data_4EGQ
#
_entry.id   4EGQ
#
_cell.length_a   45.389
_cell.length_b   66.092
_cell.length_c   98.558
_cell.angle_alpha   84.470
_cell.angle_beta   80.500
_cell.angle_gamma   83.590
#
_symmetry.space_group_name_H-M   'P 1'
#
loop_
_entity.id
_entity.type
_entity.pdbx_description
1 polymer 'D-alanine--D-alanine ligase'
2 water water
#
_entity_poly.entity_id   1
_entity_poly.type   'polypeptide(L)'
_entity_poly.pdbx_seq_one_letter_code
;GPGSMSGIDPKRFGKVAVLLGGDSAEREVSLNSGRLVLQGLRDAGIDAHPFDPAQRPLAALKDEGFVRAFNALHGGYGEN
GQIQGALDFYGIRYTGSGVLGSALGLDKFRTKLVWQQTGIPTPPFETVMRGDDYAARAQDIVAKLGVPLFVKPASEGSSV
AVEKVKSADALPAALEEAAKHDKIVIVEKSIEGGGEYTACIAADLDLPLIRIVPAGEFYDYHAKYIANDTQYLIPCGLDA
AKEAEFKRIARRAFDVLGCTDWGRADFMLDAAGNPYFLEVNTAPGMTDHSLPPKAARAVGIGYSELVVKVLSLTLD
;
_entity_poly.pdbx_strand_id   A,B,C,D
#
# COMPACT_ATOMS: atom_id res chain seq x y z
N ILE A 8 18.03 -23.44 25.01
CA ILE A 8 18.23 -23.81 23.56
C ILE A 8 18.44 -22.50 22.80
N ASP A 9 19.54 -21.86 23.14
CA ASP A 9 19.81 -20.51 22.67
C ASP A 9 20.11 -20.57 21.18
N PRO A 10 19.28 -19.88 20.37
CA PRO A 10 19.55 -19.86 18.95
C PRO A 10 20.92 -19.23 18.81
N LYS A 11 21.78 -19.78 17.98
CA LYS A 11 23.11 -19.19 17.80
C LYS A 11 24.16 -20.04 18.48
N ARG A 12 23.74 -20.93 19.37
CA ARG A 12 24.48 -22.18 19.55
C ARG A 12 24.54 -22.88 18.19
N PHE A 13 23.61 -22.55 17.30
CA PHE A 13 23.61 -23.06 15.94
C PHE A 13 24.61 -22.37 15.04
N GLY A 14 25.05 -21.18 15.40
CA GLY A 14 25.99 -20.43 14.58
C GLY A 14 25.35 -20.06 13.25
N LYS A 15 26.19 -19.99 12.22
CA LYS A 15 25.74 -19.60 10.89
C LYS A 15 25.26 -20.84 10.14
N VAL A 16 23.99 -20.81 9.75
CA VAL A 16 23.30 -21.94 9.15
C VAL A 16 22.96 -21.68 7.69
N ALA A 17 23.32 -22.62 6.81
CA ALA A 17 22.92 -22.61 5.42
C ALA A 17 21.66 -23.48 5.23
N VAL A 18 20.67 -22.99 4.50
CA VAL A 18 19.57 -23.83 4.08
C VAL A 18 19.83 -24.19 2.63
N LEU A 19 20.08 -25.47 2.36
CA LEU A 19 20.33 -25.94 0.99
C LEU A 19 18.99 -26.12 0.28
N LEU A 20 18.79 -25.34 -0.78
CA LEU A 20 17.54 -25.38 -1.56
C LEU A 20 17.80 -25.20 -3.06
N GLY A 21 16.85 -25.67 -3.87
CA GLY A 21 16.95 -25.53 -5.33
C GLY A 21 17.54 -26.77 -5.96
N GLY A 22 18.81 -26.69 -6.37
CA GLY A 22 19.48 -27.82 -7.01
C GLY A 22 19.20 -27.94 -8.50
N ASP A 23 19.73 -29.01 -9.10
CA ASP A 23 19.65 -29.27 -10.54
C ASP A 23 18.50 -30.18 -10.93
N SER A 24 18.00 -30.95 -9.98
CA SER A 24 17.01 -32.01 -10.27
C SER A 24 15.65 -31.51 -10.76
N ALA A 25 14.81 -32.46 -11.18
CA ALA A 25 13.44 -32.17 -11.63
C ALA A 25 12.53 -31.62 -10.53
N GLU A 26 12.88 -31.89 -9.27
CA GLU A 26 12.09 -31.41 -8.12
C GLU A 26 12.59 -30.07 -7.57
N ARG A 27 13.31 -29.31 -8.41
CA ARG A 27 13.87 -28.02 -8.01
C ARG A 27 12.81 -27.08 -7.42
N GLU A 28 11.65 -26.99 -8.04
CA GLU A 28 10.59 -26.08 -7.60
C GLU A 28 10.05 -26.43 -6.21
N VAL A 29 9.85 -27.72 -5.96
CA VAL A 29 9.42 -28.19 -4.64
C VAL A 29 10.49 -27.93 -3.58
N SER A 30 11.75 -28.08 -3.98
CA SER A 30 12.86 -27.75 -3.08
C SER A 30 12.87 -26.26 -2.75
N LEU A 31 12.73 -25.41 -3.77
CA LEU A 31 12.71 -23.96 -3.59
C LEU A 31 11.61 -23.51 -2.65
N ASN A 32 10.41 -24.06 -2.84
CA ASN A 32 9.27 -23.74 -1.99
C ASN A 32 9.48 -24.25 -0.57
N SER A 33 9.90 -25.50 -0.47
CA SER A 33 10.17 -26.12 0.81
C SER A 33 11.31 -25.37 1.57
N GLY A 34 12.38 -25.02 0.86
CA GLY A 34 13.52 -24.32 1.47
C GLY A 34 13.18 -22.96 2.03
N ARG A 35 12.33 -22.22 1.33
CA ARG A 35 11.92 -20.89 1.77
C ARG A 35 11.14 -20.99 3.07
N LEU A 36 10.25 -21.98 3.17
CA LEU A 36 9.51 -22.21 4.42
C LEU A 36 10.43 -22.61 5.57
N VAL A 37 11.39 -23.49 5.32
CA VAL A 37 12.36 -23.88 6.34
C VAL A 37 13.13 -22.65 6.84
N LEU A 38 13.58 -21.83 5.89
CA LEU A 38 14.35 -20.61 6.18
C LEU A 38 13.55 -19.69 7.10
N GLN A 39 12.28 -19.50 6.79
CA GLN A 39 11.41 -18.65 7.59
C GLN A 39 11.18 -19.29 8.96
N GLY A 40 11.02 -20.61 8.97
CA GLY A 40 10.91 -21.35 10.22
C GLY A 40 12.10 -21.09 11.13
N LEU A 41 13.31 -21.20 10.58
CA LEU A 41 14.54 -20.98 11.36
C LEU A 41 14.69 -19.53 11.82
N ARG A 42 14.43 -18.58 10.92
CA ARG A 42 14.50 -17.15 11.28
C ARG A 42 13.49 -16.75 12.36
N ASP A 43 12.30 -17.34 12.35
CA ASP A 43 11.31 -17.09 13.42
C ASP A 43 11.82 -17.47 14.81
N ALA A 44 12.74 -18.43 14.86
CA ALA A 44 13.35 -18.85 16.13
C ALA A 44 14.66 -18.11 16.44
N GLY A 45 14.99 -17.09 15.64
CA GLY A 45 16.18 -16.26 15.89
C GLY A 45 17.50 -16.87 15.43
N ILE A 46 17.41 -17.88 14.56
CA ILE A 46 18.60 -18.57 14.07
C ILE A 46 19.19 -17.84 12.85
N ASP A 47 20.51 -17.77 12.80
CA ASP A 47 21.23 -17.01 11.77
C ASP A 47 21.31 -17.82 10.48
N ALA A 48 20.19 -17.92 9.78
CA ALA A 48 20.05 -18.83 8.64
C ALA A 48 19.97 -18.13 7.30
N HIS A 49 20.64 -18.69 6.29
CA HIS A 49 20.75 -18.09 4.96
C HIS A 49 20.55 -19.11 3.88
N PRO A 50 19.95 -18.69 2.75
CA PRO A 50 19.74 -19.64 1.68
C PRO A 50 21.06 -19.96 0.96
N PHE A 51 21.18 -21.17 0.45
CA PHE A 51 22.35 -21.53 -0.36
C PHE A 51 21.92 -22.54 -1.44
N ASP A 52 22.02 -22.13 -2.69
CA ASP A 52 21.60 -22.96 -3.82
C ASP A 52 22.83 -23.53 -4.49
N PRO A 53 23.07 -24.85 -4.34
CA PRO A 53 24.30 -25.39 -4.91
C PRO A 53 24.30 -25.46 -6.44
N ALA A 54 23.16 -25.22 -7.09
CA ALA A 54 23.11 -25.10 -8.55
C ALA A 54 23.64 -23.75 -9.02
N GLN A 55 23.55 -22.74 -8.16
CA GLN A 55 23.97 -21.37 -8.50
C GLN A 55 25.33 -21.00 -7.93
N ARG A 56 25.77 -21.70 -6.89
CA ARG A 56 26.95 -21.27 -6.14
C ARG A 56 27.86 -22.45 -5.87
N PRO A 57 29.19 -22.24 -5.92
CA PRO A 57 30.12 -23.34 -5.62
C PRO A 57 30.03 -23.81 -4.17
N LEU A 58 29.98 -25.13 -4.00
CA LEU A 58 29.81 -25.73 -2.68
C LEU A 58 30.92 -25.33 -1.69
N ALA A 59 32.12 -25.11 -2.20
CA ALA A 59 33.25 -24.72 -1.35
C ALA A 59 33.05 -23.36 -0.68
N ALA A 60 32.12 -22.57 -1.21
CA ALA A 60 31.80 -21.27 -0.63
C ALA A 60 31.15 -21.39 0.75
N LEU A 61 30.59 -22.56 1.08
CA LEU A 61 30.05 -22.80 2.42
C LEU A 61 31.14 -22.64 3.45
N LYS A 62 32.26 -23.34 3.25
CA LYS A 62 33.38 -23.28 4.17
C LYS A 62 34.04 -21.90 4.13
N ASP A 63 34.19 -21.33 2.94
CA ASP A 63 34.82 -20.00 2.80
C ASP A 63 33.99 -18.90 3.46
N GLU A 64 32.67 -19.07 3.53
CA GLU A 64 31.79 -18.04 4.13
C GLU A 64 31.46 -18.31 5.61
N GLY A 65 32.13 -19.28 6.23
CA GLY A 65 31.97 -19.54 7.66
C GLY A 65 30.66 -20.22 8.09
N PHE A 66 30.05 -20.99 7.19
CA PHE A 66 28.86 -21.75 7.56
C PHE A 66 29.31 -22.96 8.38
N VAL A 67 28.66 -23.22 9.50
CA VAL A 67 29.06 -24.35 10.34
C VAL A 67 28.11 -25.55 10.12
N ARG A 68 26.89 -25.28 9.69
CA ARG A 68 25.92 -26.34 9.49
C ARG A 68 24.95 -25.98 8.38
N ALA A 69 24.24 -27.01 7.89
CA ALA A 69 23.31 -26.88 6.79
C ALA A 69 22.03 -27.66 7.07
N PHE A 70 20.89 -27.04 6.82
CA PHE A 70 19.60 -27.75 6.79
C PHE A 70 19.42 -28.17 5.32
N ASN A 71 19.37 -29.47 5.07
CA ASN A 71 19.16 -29.98 3.71
C ASN A 71 17.70 -29.95 3.31
N ALA A 72 17.34 -29.06 2.38
CA ALA A 72 15.98 -29.01 1.86
C ALA A 72 15.93 -29.37 0.39
N LEU A 73 16.96 -30.06 -0.09
CA LEU A 73 17.03 -30.50 -1.49
C LEU A 73 16.21 -31.76 -1.71
N HIS A 74 15.81 -32.01 -2.95
CA HIS A 74 15.10 -33.24 -3.32
C HIS A 74 15.58 -33.77 -4.63
N GLY A 75 15.88 -35.07 -4.65
CA GLY A 75 16.35 -35.73 -5.86
C GLY A 75 17.79 -35.37 -6.20
N GLY A 76 18.33 -36.12 -7.15
CA GLY A 76 19.72 -35.96 -7.58
C GLY A 76 20.70 -36.03 -6.42
N TYR A 77 21.69 -35.16 -6.48
CA TYR A 77 22.77 -35.19 -5.53
C TYR A 77 22.34 -34.86 -4.09
N GLY A 78 21.12 -34.33 -3.92
CA GLY A 78 20.64 -33.92 -2.60
C GLY A 78 20.36 -35.03 -1.60
N GLU A 79 20.04 -36.21 -2.11
CA GLU A 79 19.58 -37.29 -1.23
C GLU A 79 20.27 -38.63 -1.46
N ASN A 80 21.27 -38.69 -2.31
CA ASN A 80 21.87 -39.97 -2.70
C ASN A 80 23.24 -40.22 -2.14
N GLY A 81 23.69 -39.35 -1.25
CA GLY A 81 25.02 -39.48 -0.65
C GLY A 81 26.06 -38.56 -1.24
N GLN A 82 25.79 -38.00 -2.40
CA GLN A 82 26.79 -37.17 -3.08
C GLN A 82 27.06 -35.88 -2.33
N ILE A 83 26.01 -35.11 -2.05
CA ILE A 83 26.20 -33.83 -1.37
C ILE A 83 26.61 -34.12 0.07
N GLN A 84 26.12 -35.21 0.63
CA GLN A 84 26.51 -35.57 1.98
C GLN A 84 28.04 -35.83 2.07
N GLY A 85 28.57 -36.60 1.13
CA GLY A 85 30.01 -36.87 1.07
C GLY A 85 30.82 -35.59 0.87
N ALA A 86 30.34 -34.72 -0.01
CA ALA A 86 31.00 -33.43 -0.27
C ALA A 86 31.01 -32.53 0.97
N LEU A 87 29.86 -32.48 1.65
CA LEU A 87 29.75 -31.66 2.85
C LEU A 87 30.63 -32.20 3.97
N ASP A 88 30.70 -33.53 4.11
CA ASP A 88 31.65 -34.13 5.07
C ASP A 88 33.08 -33.69 4.72
N PHE A 89 33.41 -33.74 3.43
CA PHE A 89 34.75 -33.35 2.95
C PHE A 89 35.09 -31.93 3.38
N TYR A 90 34.12 -31.02 3.29
CA TYR A 90 34.33 -29.62 3.70
C TYR A 90 34.05 -29.35 5.19
N GLY A 91 33.84 -30.37 6.02
CA GLY A 91 33.65 -30.19 7.47
C GLY A 91 32.33 -29.54 7.89
N ILE A 92 31.32 -29.60 7.03
CA ILE A 92 30.02 -28.94 7.27
C ILE A 92 29.02 -29.98 7.79
N ARG A 93 28.41 -29.73 8.95
CA ARG A 93 27.40 -30.62 9.48
C ARG A 93 26.06 -30.37 8.76
N TYR A 94 25.22 -31.39 8.66
CA TYR A 94 23.97 -31.27 7.92
C TYR A 94 22.89 -32.19 8.50
N THR A 95 21.64 -31.82 8.26
CA THR A 95 20.49 -32.58 8.72
C THR A 95 20.33 -33.79 7.85
N GLY A 96 19.53 -34.75 8.31
CA GLY A 96 19.31 -35.98 7.59
C GLY A 96 20.49 -36.90 7.84
N SER A 97 20.64 -37.89 6.98
CA SER A 97 21.61 -38.97 7.23
C SER A 97 22.90 -38.77 6.47
N GLY A 98 23.94 -39.46 6.92
CA GLY A 98 25.23 -39.46 6.27
C GLY A 98 25.28 -40.21 4.93
N VAL A 99 26.49 -40.44 4.45
CA VAL A 99 26.68 -41.03 3.12
C VAL A 99 26.03 -42.40 3.00
N LEU A 100 26.33 -43.29 3.95
CA LEU A 100 25.85 -44.64 3.84
C LEU A 100 24.33 -44.69 3.95
N GLY A 101 23.80 -44.08 5.01
CA GLY A 101 22.35 -44.08 5.23
C GLY A 101 21.54 -43.45 4.11
N SER A 102 22.06 -42.36 3.55
CA SER A 102 21.42 -41.74 2.41
C SER A 102 21.49 -42.63 1.16
N ALA A 103 22.66 -43.16 0.85
CA ALA A 103 22.78 -44.01 -0.34
C ALA A 103 21.94 -45.30 -0.19
N LEU A 104 22.09 -45.96 0.94
CA LEU A 104 21.39 -47.20 1.21
C LEU A 104 19.86 -47.01 1.22
N GLY A 105 19.40 -45.91 1.83
CA GLY A 105 17.99 -45.55 1.83
C GLY A 105 17.35 -45.41 0.45
N LEU A 106 18.10 -44.83 -0.50
CA LEU A 106 17.65 -44.77 -1.90
C LEU A 106 17.70 -46.14 -2.63
N ASP A 107 18.48 -47.08 -2.12
CA ASP A 107 18.62 -48.38 -2.76
C ASP A 107 17.60 -49.33 -2.15
N LYS A 108 16.44 -49.40 -2.77
CA LYS A 108 15.31 -50.16 -2.24
C LYS A 108 15.61 -51.64 -2.00
N PHE A 109 16.35 -52.22 -2.95
CA PHE A 109 16.72 -53.61 -2.92
C PHE A 109 17.63 -53.91 -1.72
N ARG A 110 18.71 -53.14 -1.55
CA ARG A 110 19.66 -53.42 -0.47
C ARG A 110 19.11 -53.07 0.92
N THR A 111 18.27 -52.05 1.01
CA THR A 111 17.50 -51.75 2.20
C THR A 111 16.71 -52.98 2.68
N LYS A 112 16.01 -53.63 1.77
CA LYS A 112 15.23 -54.80 2.13
C LYS A 112 16.09 -56.00 2.54
N LEU A 113 17.25 -56.16 1.93
CA LEU A 113 18.18 -57.21 2.32
C LEU A 113 18.66 -57.01 3.75
N VAL A 114 19.02 -55.77 4.08
CA VAL A 114 19.50 -55.47 5.43
C VAL A 114 18.37 -55.70 6.46
N TRP A 115 17.18 -55.23 6.11
CA TRP A 115 16.01 -55.46 6.96
C TRP A 115 15.70 -56.91 7.20
N GLN A 116 15.58 -57.68 6.15
CA GLN A 116 15.22 -59.08 6.31
C GLN A 116 16.28 -59.86 7.09
N GLN A 117 17.56 -59.49 6.95
CA GLN A 117 18.60 -60.23 7.65
C GLN A 117 18.57 -59.88 9.14
N THR A 118 18.11 -58.68 9.50
CA THR A 118 18.17 -58.23 10.88
C THR A 118 16.82 -58.38 11.60
N GLY A 119 15.81 -58.96 10.94
CA GLY A 119 14.50 -59.20 11.56
C GLY A 119 13.58 -58.00 11.60
N ILE A 120 13.86 -56.94 10.83
CA ILE A 120 12.88 -55.87 10.65
C ILE A 120 11.90 -56.47 9.69
N PRO A 121 10.59 -56.56 10.04
CA PRO A 121 9.68 -57.26 9.14
C PRO A 121 9.45 -56.49 7.82
N THR A 122 9.54 -57.23 6.73
CA THR A 122 9.49 -56.67 5.37
C THR A 122 8.91 -57.80 4.54
N PRO A 123 8.28 -57.50 3.40
CA PRO A 123 7.65 -58.64 2.70
C PRO A 123 8.62 -59.78 2.39
N PRO A 124 8.31 -61.04 2.77
CA PRO A 124 9.36 -62.06 2.65
C PRO A 124 9.77 -62.43 1.18
N PHE A 125 11.05 -62.73 0.98
CA PHE A 125 11.57 -63.03 -0.31
C PHE A 125 12.92 -63.67 -0.19
N GLU A 126 13.39 -64.25 -1.30
CA GLU A 126 14.73 -64.80 -1.39
C GLU A 126 15.34 -64.35 -2.70
N THR A 127 16.67 -64.47 -2.81
CA THR A 127 17.38 -64.05 -4.01
C THR A 127 18.09 -65.24 -4.64
N VAL A 128 18.16 -65.21 -5.96
CA VAL A 128 18.86 -66.21 -6.72
C VAL A 128 19.69 -65.49 -7.80
N MET A 129 20.89 -65.99 -8.06
CA MET A 129 21.73 -65.44 -9.10
C MET A 129 22.00 -66.43 -10.22
N ARG A 130 22.28 -65.90 -11.41
CA ARG A 130 22.70 -66.72 -12.54
C ARG A 130 23.82 -67.66 -12.11
N GLY A 131 23.69 -68.94 -12.43
CA GLY A 131 24.72 -69.95 -12.10
C GLY A 131 24.44 -70.76 -10.84
N ASP A 132 23.55 -70.29 -9.97
CA ASP A 132 23.19 -71.04 -8.74
C ASP A 132 22.55 -72.40 -9.02
N ASP A 133 22.55 -73.24 -7.99
CA ASP A 133 21.94 -74.56 -8.05
C ASP A 133 20.43 -74.37 -7.91
N TYR A 134 19.76 -74.23 -9.05
CA TYR A 134 18.38 -73.79 -9.07
C TYR A 134 17.45 -74.77 -8.36
N ALA A 135 17.72 -76.06 -8.52
CA ALA A 135 16.93 -77.11 -7.84
C ALA A 135 17.03 -77.01 -6.31
N ALA A 136 18.24 -76.79 -5.80
CA ALA A 136 18.45 -76.61 -4.35
C ALA A 136 17.78 -75.33 -3.83
N ARG A 137 18.00 -74.23 -4.52
CA ARG A 137 17.39 -72.96 -4.11
C ARG A 137 15.85 -73.07 -4.15
N ALA A 138 15.28 -73.65 -5.21
CA ALA A 138 13.82 -73.82 -5.31
C ALA A 138 13.23 -74.53 -4.10
N GLN A 139 13.83 -75.63 -3.68
CA GLN A 139 13.33 -76.43 -2.54
C GLN A 139 13.36 -75.64 -1.24
N ASP A 140 14.47 -74.94 -0.99
CA ASP A 140 14.57 -74.10 0.21
C ASP A 140 13.58 -72.92 0.16
N ILE A 141 13.43 -72.31 -1.01
CA ILE A 141 12.51 -71.16 -1.13
C ILE A 141 11.06 -71.56 -0.89
N VAL A 142 10.64 -72.67 -1.48
CA VAL A 142 9.29 -73.18 -1.25
C VAL A 142 9.05 -73.47 0.24
N ALA A 143 10.04 -74.04 0.91
CA ALA A 143 9.95 -74.36 2.36
C ALA A 143 9.75 -73.12 3.21
N LYS A 144 10.46 -72.04 2.87
CA LYS A 144 10.32 -70.80 3.61
C LYS A 144 9.07 -70.04 3.21
N LEU A 145 8.81 -69.92 1.92
CA LEU A 145 7.81 -68.96 1.43
C LEU A 145 6.45 -69.52 1.06
N GLY A 146 6.37 -70.81 0.77
CA GLY A 146 5.13 -71.39 0.25
C GLY A 146 4.90 -71.02 -1.22
N VAL A 147 3.68 -71.23 -1.71
CA VAL A 147 3.31 -70.96 -3.11
C VAL A 147 1.88 -70.39 -3.14
N PRO A 148 1.53 -69.56 -4.15
CA PRO A 148 2.31 -69.06 -5.30
C PRO A 148 3.44 -68.09 -4.92
N LEU A 149 4.38 -67.94 -5.84
CA LEU A 149 5.54 -67.06 -5.69
C LEU A 149 5.66 -66.15 -6.91
N PHE A 150 6.25 -64.96 -6.71
CA PHE A 150 6.43 -63.99 -7.79
C PHE A 150 7.92 -63.85 -8.07
N VAL A 151 8.33 -64.02 -9.33
CA VAL A 151 9.71 -63.88 -9.72
C VAL A 151 9.89 -62.62 -10.57
N LYS A 152 10.87 -61.81 -10.18
CA LYS A 152 11.11 -60.46 -10.69
C LYS A 152 12.61 -60.22 -10.70
N PRO A 153 13.13 -59.47 -11.69
CA PRO A 153 14.54 -59.03 -11.59
C PRO A 153 14.73 -58.11 -10.40
N ALA A 154 15.94 -58.06 -9.87
CA ALA A 154 16.23 -57.27 -8.67
C ALA A 154 16.56 -55.79 -8.98
N SER A 155 17.30 -55.53 -10.07
CA SER A 155 17.55 -54.14 -10.51
C SER A 155 16.28 -53.50 -11.10
N SER A 159 9.80 -52.40 -16.14
CA SER A 159 9.37 -52.81 -17.48
C SER A 159 8.86 -54.26 -17.45
N VAL A 160 9.78 -55.20 -17.23
CA VAL A 160 9.49 -56.65 -17.31
C VAL A 160 8.30 -57.04 -16.43
N ALA A 161 7.47 -57.93 -16.97
CA ALA A 161 6.32 -58.48 -16.23
C ALA A 161 6.83 -59.43 -15.15
N VAL A 162 6.07 -59.47 -14.06
CA VAL A 162 6.34 -60.36 -12.96
C VAL A 162 5.78 -61.72 -13.39
N GLU A 163 6.59 -62.78 -13.30
CA GLU A 163 6.07 -64.15 -13.50
C GLU A 163 5.55 -64.67 -12.18
N LYS A 164 4.35 -65.25 -12.19
CA LYS A 164 3.81 -65.92 -11.03
C LYS A 164 4.06 -67.42 -11.20
N VAL A 165 4.60 -68.07 -10.17
CA VAL A 165 4.88 -69.50 -10.19
C VAL A 165 3.92 -70.14 -9.21
N LYS A 166 3.14 -71.11 -9.68
CA LYS A 166 2.00 -71.66 -8.92
C LYS A 166 2.29 -73.03 -8.28
N SER A 167 3.33 -73.72 -8.74
CA SER A 167 3.69 -75.03 -8.21
C SER A 167 5.17 -75.17 -7.90
N ALA A 168 5.47 -75.83 -6.79
CA ALA A 168 6.85 -76.06 -6.33
C ALA A 168 7.74 -76.61 -7.44
N ASP A 169 7.18 -77.55 -8.19
CA ASP A 169 7.92 -78.30 -9.22
C ASP A 169 8.31 -77.43 -10.42
N ALA A 170 7.50 -76.40 -10.70
CA ALA A 170 7.78 -75.50 -11.82
C ALA A 170 8.80 -74.39 -11.49
N LEU A 171 9.26 -74.30 -10.23
CA LEU A 171 10.10 -73.15 -9.80
C LEU A 171 11.55 -73.19 -10.32
N PRO A 172 12.23 -74.35 -10.26
CA PRO A 172 13.56 -74.43 -10.87
C PRO A 172 13.60 -73.87 -12.28
N ALA A 173 12.65 -74.27 -13.12
CA ALA A 173 12.61 -73.80 -14.51
C ALA A 173 12.37 -72.31 -14.59
N ALA A 174 11.56 -71.76 -13.69
CA ALA A 174 11.31 -70.32 -13.68
C ALA A 174 12.54 -69.51 -13.23
N LEU A 175 13.34 -70.11 -12.34
CA LEU A 175 14.57 -69.45 -11.88
C LEU A 175 15.61 -69.48 -13.01
N GLU A 176 15.74 -70.64 -13.66
CA GLU A 176 16.59 -70.80 -14.83
C GLU A 176 16.26 -69.78 -15.91
N GLU A 177 14.97 -69.59 -16.18
CA GLU A 177 14.51 -68.75 -17.28
C GLU A 177 14.64 -67.28 -16.96
N ALA A 178 14.38 -66.92 -15.70
CA ALA A 178 14.54 -65.55 -15.24
C ALA A 178 16.02 -65.15 -15.17
N ALA A 179 16.88 -66.07 -14.71
CA ALA A 179 18.32 -65.82 -14.60
C ALA A 179 19.03 -65.70 -15.96
N LYS A 180 18.44 -66.23 -17.02
CA LYS A 180 19.00 -66.02 -18.36
C LYS A 180 18.92 -64.52 -18.74
N HIS A 181 17.93 -63.80 -18.23
CA HIS A 181 17.67 -62.40 -18.63
C HIS A 181 18.19 -61.36 -17.66
N ASP A 182 18.34 -61.76 -16.40
CA ASP A 182 18.68 -60.88 -15.28
C ASP A 182 19.74 -61.59 -14.41
N LYS A 183 20.81 -60.92 -14.00
CA LYS A 183 21.86 -61.61 -13.23
C LYS A 183 21.37 -61.97 -11.84
N ILE A 184 20.51 -61.12 -11.28
CA ILE A 184 19.96 -61.31 -9.94
C ILE A 184 18.43 -61.22 -9.98
N VAL A 185 17.80 -62.21 -9.35
CA VAL A 185 16.35 -62.33 -9.33
C VAL A 185 15.88 -62.42 -7.89
N ILE A 186 14.75 -61.76 -7.64
CA ILE A 186 14.03 -61.84 -6.37
C ILE A 186 12.82 -62.77 -6.53
N VAL A 187 12.58 -63.62 -5.54
CA VAL A 187 11.41 -64.49 -5.48
C VAL A 187 10.59 -64.11 -4.27
N GLU A 188 9.39 -63.62 -4.48
CA GLU A 188 8.62 -62.97 -3.42
C GLU A 188 7.36 -63.78 -3.11
N LYS A 189 7.04 -63.81 -1.83
CA LYS A 189 5.83 -64.43 -1.29
C LYS A 189 4.60 -63.65 -1.75
N SER A 190 3.50 -64.37 -1.91
CA SER A 190 2.22 -63.75 -2.18
C SER A 190 1.65 -63.21 -0.85
N ILE A 191 1.24 -61.94 -0.83
CA ILE A 191 0.60 -61.31 0.34
C ILE A 191 -0.61 -60.44 -0.04
N GLU A 192 -1.65 -60.41 0.80
CA GLU A 192 -2.78 -59.48 0.62
C GLU A 192 -2.58 -58.06 1.19
N GLY A 193 -2.79 -57.03 0.37
CA GLY A 193 -2.74 -55.64 0.84
C GLY A 193 -3.83 -55.33 1.86
N GLY A 194 -3.43 -54.94 3.07
CA GLY A 194 -4.36 -54.60 4.17
C GLY A 194 -4.22 -53.20 4.79
N GLY A 195 -3.75 -52.25 4.00
CA GLY A 195 -3.56 -50.86 4.45
C GLY A 195 -2.11 -50.43 4.30
N GLU A 196 -1.89 -49.19 3.84
CA GLU A 196 -0.56 -48.58 3.76
C GLU A 196 -0.44 -47.38 4.72
N TYR A 197 0.72 -47.26 5.38
CA TYR A 197 0.94 -46.28 6.46
C TYR A 197 2.31 -45.70 6.38
N THR A 198 2.49 -44.53 7.00
CA THR A 198 3.84 -43.97 7.11
C THR A 198 4.07 -43.41 8.51
N ALA A 199 5.28 -43.62 9.00
CA ALA A 199 5.73 -43.16 10.29
C ALA A 199 6.77 -42.09 10.09
N CYS A 200 6.44 -40.85 10.43
CA CYS A 200 7.38 -39.75 10.42
C CYS A 200 8.23 -39.80 11.68
N ILE A 201 9.53 -39.63 11.51
CA ILE A 201 10.47 -39.61 12.60
C ILE A 201 11.16 -38.25 12.55
N ALA A 202 11.15 -37.56 13.67
CA ALA A 202 11.84 -36.28 13.83
C ALA A 202 12.38 -36.20 15.25
N ALA A 203 13.65 -36.59 15.41
CA ALA A 203 14.33 -36.55 16.69
C ALA A 203 13.49 -37.34 17.71
N ASP A 204 13.28 -36.78 18.91
CA ASP A 204 12.49 -37.42 19.96
C ASP A 204 11.00 -37.12 19.92
N LEU A 205 10.51 -36.41 18.90
CA LEU A 205 9.12 -35.99 18.87
C LEU A 205 8.18 -37.18 18.69
N ASP A 206 7.03 -37.12 19.35
CA ASP A 206 6.02 -38.18 19.25
C ASP A 206 5.02 -37.77 18.19
N LEU A 207 5.29 -38.19 16.95
CA LEU A 207 4.46 -37.88 15.81
C LEU A 207 3.54 -39.07 15.55
N PRO A 208 2.27 -38.80 15.26
CA PRO A 208 1.35 -39.90 14.98
C PRO A 208 1.56 -40.50 13.59
N LEU A 209 1.22 -41.77 13.45
CA LEU A 209 1.23 -42.45 12.16
C LEU A 209 0.26 -41.78 11.23
N ILE A 210 0.49 -41.90 9.93
CA ILE A 210 -0.44 -41.41 8.88
C ILE A 210 -0.86 -42.59 8.01
N ARG A 211 -2.16 -42.77 7.78
CA ARG A 211 -2.63 -43.78 6.81
C ARG A 211 -2.70 -43.16 5.41
N ILE A 212 -2.13 -43.88 4.45
CA ILE A 212 -2.14 -43.44 3.06
C ILE A 212 -3.28 -44.14 2.32
N VAL A 213 -4.20 -43.34 1.80
CA VAL A 213 -5.35 -43.85 1.05
C VAL A 213 -5.26 -43.27 -0.37
N PRO A 214 -4.75 -44.05 -1.33
CA PRO A 214 -4.62 -43.52 -2.70
C PRO A 214 -5.96 -43.50 -3.43
N TYR A 232 -2.24 -38.70 3.70
CA TYR A 232 -3.69 -38.59 3.80
C TYR A 232 -4.28 -38.52 5.25
N LEU A 233 -4.45 -39.62 6.01
CA LEU A 233 -5.35 -39.60 7.19
C LEU A 233 -4.68 -39.66 8.57
N ILE A 234 -5.04 -38.69 9.40
CA ILE A 234 -4.78 -38.73 10.83
C ILE A 234 -6.13 -38.49 11.46
N PRO A 235 -6.54 -39.34 12.43
CA PRO A 235 -5.86 -40.51 12.99
C PRO A 235 -5.74 -41.61 11.97
N CYS A 236 -4.76 -42.48 12.10
CA CYS A 236 -4.49 -43.47 11.07
C CYS A 236 -5.47 -44.64 11.17
N GLY A 237 -6.13 -44.81 12.33
CA GLY A 237 -7.11 -45.89 12.52
C GLY A 237 -6.57 -47.16 13.19
N LEU A 238 -5.31 -47.13 13.60
CA LEU A 238 -4.76 -48.20 14.44
C LEU A 238 -4.86 -47.85 15.93
N ASP A 239 -4.97 -48.86 16.79
CA ASP A 239 -5.07 -48.64 18.24
C ASP A 239 -3.73 -48.18 18.83
N ALA A 240 -3.76 -47.63 20.03
CA ALA A 240 -2.56 -47.01 20.64
C ALA A 240 -1.38 -47.99 20.79
N ALA A 241 -1.68 -49.25 21.11
CA ALA A 241 -0.63 -50.27 21.29
C ALA A 241 0.08 -50.61 19.97
N LYS A 242 -0.70 -50.68 18.90
CA LYS A 242 -0.15 -50.96 17.59
C LYS A 242 0.63 -49.74 17.08
N GLU A 243 0.07 -48.56 17.26
CA GLU A 243 0.72 -47.34 16.84
C GLU A 243 2.12 -47.21 17.48
N ALA A 244 2.17 -47.38 18.79
CA ALA A 244 3.41 -47.41 19.56
C ALA A 244 4.37 -48.52 19.11
N GLU A 245 3.85 -49.73 18.92
CA GLU A 245 4.72 -50.81 18.44
C GLU A 245 5.28 -50.56 17.03
N PHE A 246 4.48 -50.02 16.12
CA PHE A 246 4.94 -49.80 14.74
C PHE A 246 5.93 -48.64 14.68
N LYS A 247 5.75 -47.63 15.53
CA LYS A 247 6.70 -46.50 15.58
C LYS A 247 8.09 -46.91 16.11
N ARG A 248 8.10 -47.86 17.05
CA ARG A 248 9.32 -48.43 17.57
C ARG A 248 10.05 -49.24 16.50
N ILE A 249 9.32 -50.07 15.78
CA ILE A 249 9.92 -50.81 14.68
C ILE A 249 10.49 -49.87 13.61
N ALA A 250 9.78 -48.80 13.32
CA ALA A 250 10.23 -47.79 12.36
C ALA A 250 11.60 -47.25 12.74
N ARG A 251 11.80 -46.93 14.02
CA ARG A 251 13.08 -46.41 14.49
C ARG A 251 14.18 -47.48 14.42
N ARG A 252 13.82 -48.73 14.70
CA ARG A 252 14.76 -49.85 14.51
C ARG A 252 15.17 -49.97 13.01
N ALA A 253 14.22 -49.75 12.13
CA ALA A 253 14.44 -49.86 10.68
C ALA A 253 15.40 -48.78 10.19
N PHE A 254 15.33 -47.60 10.75
CA PHE A 254 16.30 -46.51 10.47
C PHE A 254 17.69 -46.86 11.02
N ASP A 255 17.75 -47.33 12.27
CA ASP A 255 18.98 -47.71 12.95
C ASP A 255 19.80 -48.73 12.16
N VAL A 256 19.15 -49.79 11.67
CA VAL A 256 19.92 -50.80 10.93
C VAL A 256 20.49 -50.31 9.60
N LEU A 257 19.86 -49.30 9.02
CA LEU A 257 20.37 -48.70 7.80
C LEU A 257 21.46 -47.67 8.05
N GLY A 258 21.74 -47.31 9.29
CA GLY A 258 22.69 -46.22 9.58
C GLY A 258 22.08 -44.84 9.33
N CYS A 259 20.76 -44.73 9.39
CA CYS A 259 20.09 -43.44 9.16
C CYS A 259 19.93 -42.62 10.45
N THR A 260 19.99 -41.30 10.33
CA THR A 260 19.71 -40.39 11.44
C THR A 260 18.18 -40.33 11.62
N ASP A 261 17.70 -39.92 12.79
CA ASP A 261 16.25 -39.88 13.04
C ASP A 261 15.52 -38.67 12.43
N TRP A 262 15.47 -38.67 11.10
CA TRP A 262 14.77 -37.66 10.33
C TRP A 262 14.36 -38.33 9.07
N GLY A 263 13.05 -38.50 8.89
CA GLY A 263 12.56 -39.15 7.70
C GLY A 263 11.20 -39.79 7.91
N ARG A 264 10.81 -40.57 6.91
CA ARG A 264 9.59 -41.35 6.93
C ARG A 264 9.95 -42.80 6.69
N ALA A 265 9.27 -43.71 7.37
CA ALA A 265 9.29 -45.11 7.03
C ALA A 265 7.88 -45.50 6.56
N ASP A 266 7.80 -46.04 5.35
CA ASP A 266 6.52 -46.52 4.78
C ASP A 266 6.34 -48.00 5.07
N PHE A 267 5.13 -48.41 5.44
CA PHE A 267 4.87 -49.82 5.67
C PHE A 267 3.43 -50.16 5.33
N MET A 268 3.17 -51.46 5.25
CA MET A 268 1.82 -51.98 4.98
C MET A 268 1.47 -53.01 6.02
N LEU A 269 0.18 -53.29 6.13
CA LEU A 269 -0.29 -54.41 6.95
C LEU A 269 -0.84 -55.49 6.04
N ASP A 270 -0.74 -56.75 6.45
CA ASP A 270 -1.54 -57.83 5.84
C ASP A 270 -2.90 -57.88 6.53
N ALA A 271 -3.76 -58.79 6.09
CA ALA A 271 -5.10 -58.93 6.66
C ALA A 271 -5.09 -59.25 8.17
N ALA A 272 -4.10 -60.00 8.64
CA ALA A 272 -4.01 -60.32 10.08
C ALA A 272 -3.42 -59.16 10.92
N GLY A 273 -3.06 -58.06 10.27
CA GLY A 273 -2.53 -56.90 11.00
C GLY A 273 -1.02 -56.91 11.22
N ASN A 274 -0.28 -57.83 10.60
CA ASN A 274 1.18 -57.85 10.71
C ASN A 274 1.79 -56.75 9.83
N PRO A 275 2.81 -56.04 10.35
CA PRO A 275 3.47 -54.97 9.58
C PRO A 275 4.58 -55.50 8.66
N TYR A 276 4.73 -54.86 7.50
CA TYR A 276 5.82 -55.14 6.56
C TYR A 276 6.36 -53.81 6.08
N PHE A 277 7.62 -53.50 6.40
CA PHE A 277 8.23 -52.25 6.01
C PHE A 277 8.73 -52.30 4.55
N LEU A 278 8.48 -51.21 3.82
CA LEU A 278 8.68 -51.13 2.37
C LEU A 278 9.87 -50.25 1.97
N GLU A 279 9.99 -49.09 2.57
CA GLU A 279 11.07 -48.16 2.24
C GLU A 279 11.16 -47.01 3.23
N VAL A 280 12.31 -46.33 3.20
CA VAL A 280 12.51 -45.11 3.96
C VAL A 280 12.72 -43.95 3.00
N ASN A 281 12.43 -42.77 3.50
CA ASN A 281 12.65 -41.52 2.79
C ASN A 281 13.44 -40.67 3.79
N THR A 282 14.70 -40.38 3.50
CA THR A 282 15.56 -39.64 4.41
C THR A 282 15.56 -38.13 4.08
N ALA A 283 14.73 -37.70 3.13
CA ALA A 283 14.63 -36.30 2.74
C ALA A 283 13.16 -35.98 2.56
N PRO A 284 12.37 -35.99 3.65
CA PRO A 284 10.95 -35.75 3.48
C PRO A 284 10.59 -34.33 3.06
N GLY A 285 9.39 -34.19 2.49
CA GLY A 285 8.84 -32.88 2.10
C GLY A 285 8.71 -31.93 3.28
N MET A 286 8.90 -30.65 3.03
CA MET A 286 8.70 -29.63 4.06
C MET A 286 7.84 -28.44 3.57
N THR A 287 7.03 -28.67 2.55
CA THR A 287 6.00 -27.69 2.14
C THR A 287 4.89 -27.71 3.18
N ASP A 288 3.98 -26.75 3.08
CA ASP A 288 2.87 -26.63 4.01
C ASP A 288 2.00 -27.89 4.03
N HIS A 289 1.87 -28.55 2.88
CA HIS A 289 1.05 -29.75 2.76
C HIS A 289 1.84 -31.06 2.84
N SER A 290 3.13 -31.02 3.17
CA SER A 290 3.94 -32.24 3.29
C SER A 290 3.61 -33.02 4.58
N LEU A 291 4.03 -34.28 4.65
CA LEU A 291 3.61 -35.16 5.75
C LEU A 291 4.19 -34.81 7.13
N PRO A 292 5.48 -34.44 7.22
CA PRO A 292 5.95 -34.18 8.58
C PRO A 292 5.31 -32.95 9.25
N PRO A 293 5.16 -31.84 8.51
CA PRO A 293 4.39 -30.74 9.11
C PRO A 293 2.92 -31.10 9.47
N LYS A 294 2.25 -31.88 8.63
CA LYS A 294 0.88 -32.31 8.89
C LYS A 294 0.81 -33.18 10.16
N ALA A 295 1.73 -34.13 10.30
CA ALA A 295 1.76 -34.97 11.49
C ALA A 295 2.02 -34.13 12.72
N ALA A 296 2.93 -33.18 12.60
CA ALA A 296 3.29 -32.34 13.74
C ALA A 296 2.09 -31.50 14.15
N ARG A 297 1.43 -30.88 13.17
CA ARG A 297 0.26 -30.06 13.46
C ARG A 297 -0.80 -30.88 14.20
N ALA A 298 -1.02 -32.11 13.77
CA ALA A 298 -2.02 -32.97 14.38
C ALA A 298 -1.85 -33.11 15.90
N VAL A 299 -0.63 -33.02 16.40
CA VAL A 299 -0.40 -33.09 17.84
C VAL A 299 0.08 -31.78 18.42
N GLY A 300 -0.29 -30.67 17.77
CA GLY A 300 -0.08 -29.33 18.33
C GLY A 300 1.34 -28.77 18.21
N ILE A 301 2.14 -29.34 17.31
CA ILE A 301 3.53 -28.88 17.11
C ILE A 301 3.64 -28.07 15.83
N GLY A 302 4.08 -26.82 15.97
CA GLY A 302 4.15 -25.88 14.85
C GLY A 302 5.38 -26.08 13.98
N TYR A 303 5.31 -25.51 12.78
CA TYR A 303 6.33 -25.64 11.76
C TYR A 303 7.73 -25.24 12.25
N SER A 304 7.79 -24.12 12.95
CA SER A 304 9.05 -23.61 13.45
C SER A 304 9.66 -24.57 14.47
N GLU A 305 8.85 -25.07 15.40
CA GLU A 305 9.34 -26.05 16.39
C GLU A 305 9.88 -27.31 15.69
N LEU A 306 9.20 -27.76 14.65
CA LEU A 306 9.63 -28.93 13.90
C LEU A 306 11.01 -28.73 13.28
N VAL A 307 11.20 -27.63 12.55
CA VAL A 307 12.49 -27.39 11.90
C VAL A 307 13.64 -27.24 12.89
N VAL A 308 13.39 -26.58 14.03
CA VAL A 308 14.44 -26.44 15.02
C VAL A 308 14.83 -27.78 15.57
N LYS A 309 13.84 -28.62 15.87
CA LYS A 309 14.11 -29.93 16.41
C LYS A 309 14.96 -30.74 15.41
N VAL A 310 14.66 -30.63 14.12
CA VAL A 310 15.42 -31.33 13.12
C VAL A 310 16.86 -30.81 13.08
N LEU A 311 17.03 -29.50 13.15
CA LEU A 311 18.37 -28.92 13.12
C LEU A 311 19.17 -29.27 14.37
N SER A 312 18.49 -29.48 15.49
CA SER A 312 19.15 -29.77 16.76
C SER A 312 19.97 -31.07 16.74
N LEU A 313 19.59 -32.00 15.86
CA LEU A 313 20.34 -33.25 15.70
C LEU A 313 21.76 -33.02 15.20
N THR A 314 22.03 -31.84 14.64
CA THR A 314 23.39 -31.49 14.22
C THR A 314 24.22 -30.84 15.35
N LEU A 315 23.64 -30.62 16.54
CA LEU A 315 24.39 -30.04 17.68
C LEU A 315 25.23 -31.07 18.42
N ASP B 9 -0.30 26.84 1.90
CA ASP B 9 -0.45 28.33 1.72
C ASP B 9 -0.08 28.72 0.28
N PRO B 10 -1.04 29.30 -0.47
CA PRO B 10 -0.82 29.56 -1.90
C PRO B 10 0.34 30.52 -2.23
N LYS B 11 0.72 31.36 -1.28
CA LYS B 11 1.84 32.28 -1.48
C LYS B 11 3.19 31.58 -1.66
N ARG B 12 3.32 30.37 -1.14
CA ARG B 12 4.58 29.64 -1.22
C ARG B 12 4.93 29.19 -2.64
N PHE B 13 3.94 29.14 -3.52
CA PHE B 13 4.20 28.87 -4.93
C PHE B 13 4.81 30.06 -5.69
N GLY B 14 4.65 31.27 -5.18
CA GLY B 14 5.18 32.44 -5.85
C GLY B 14 4.47 32.70 -7.18
N LYS B 15 5.20 33.26 -8.13
CA LYS B 15 4.66 33.57 -9.44
C LYS B 15 4.76 32.33 -10.35
N VAL B 16 3.58 31.87 -10.83
CA VAL B 16 3.45 30.67 -11.58
C VAL B 16 3.03 30.95 -13.04
N ALA B 17 3.75 30.36 -13.99
CA ALA B 17 3.39 30.38 -15.42
C ALA B 17 2.60 29.12 -15.77
N VAL B 18 1.49 29.24 -16.51
CA VAL B 18 0.87 28.06 -17.10
C VAL B 18 1.28 28.06 -18.57
N LEU B 19 2.10 27.08 -18.95
CA LEU B 19 2.54 26.97 -20.33
C LEU B 19 1.42 26.32 -21.17
N LEU B 20 0.92 27.06 -22.18
CA LEU B 20 -0.15 26.60 -23.06
C LEU B 20 -0.03 27.09 -24.50
N GLY B 21 -0.65 26.37 -25.42
CA GLY B 21 -0.59 26.71 -26.84
C GLY B 21 0.50 25.96 -27.58
N GLY B 22 1.60 26.65 -27.88
CA GLY B 22 2.71 26.02 -28.60
C GLY B 22 2.54 25.99 -30.12
N ASP B 23 3.51 25.35 -30.78
CA ASP B 23 3.57 25.27 -32.24
C ASP B 23 2.92 23.98 -32.81
N SER B 24 2.81 22.95 -31.97
CA SER B 24 2.40 21.61 -32.43
C SER B 24 0.97 21.52 -32.98
N ALA B 25 0.66 20.37 -33.55
CA ALA B 25 -0.68 20.08 -34.07
C ALA B 25 -1.78 20.02 -32.98
N GLU B 26 -1.38 19.77 -31.74
CA GLU B 26 -2.33 19.71 -30.61
C GLU B 26 -2.46 21.06 -29.88
N ARG B 27 -2.11 22.16 -30.57
CA ARG B 27 -2.19 23.51 -30.01
C ARG B 27 -3.56 23.82 -29.39
N GLU B 28 -4.64 23.47 -30.10
CA GLU B 28 -6.02 23.78 -29.62
C GLU B 28 -6.36 23.07 -28.32
N VAL B 29 -6.00 21.79 -28.23
CA VAL B 29 -6.22 21.01 -27.01
C VAL B 29 -5.35 21.54 -25.85
N SER B 30 -4.14 21.99 -26.16
CA SER B 30 -3.31 22.68 -25.16
C SER B 30 -3.94 23.99 -24.68
N LEU B 31 -4.43 24.83 -25.60
CA LEU B 31 -5.07 26.10 -25.24
C LEU B 31 -6.27 25.88 -24.33
N ASN B 32 -7.11 24.92 -24.68
CA ASN B 32 -8.28 24.57 -23.85
C ASN B 32 -7.86 24.04 -22.48
N SER B 33 -6.93 23.09 -22.50
CA SER B 33 -6.42 22.46 -21.27
C SER B 33 -5.75 23.52 -20.37
N GLY B 34 -4.94 24.38 -20.98
CA GLY B 34 -4.24 25.42 -20.21
C GLY B 34 -5.13 26.44 -19.53
N ARG B 35 -6.22 26.84 -20.20
CA ARG B 35 -7.17 27.80 -19.63
C ARG B 35 -7.86 27.20 -18.39
N LEU B 36 -8.22 25.92 -18.45
CA LEU B 36 -8.78 25.23 -17.29
C LEU B 36 -7.77 25.13 -16.14
N VAL B 37 -6.52 24.80 -16.43
CA VAL B 37 -5.50 24.74 -15.40
C VAL B 37 -5.31 26.10 -14.71
N LEU B 38 -5.23 27.14 -15.53
CA LEU B 38 -5.08 28.50 -15.05
C LEU B 38 -6.20 28.85 -14.09
N GLN B 39 -7.44 28.52 -14.46
CA GLN B 39 -8.59 28.82 -13.60
C GLN B 39 -8.52 27.97 -12.34
N GLY B 40 -8.12 26.72 -12.49
CA GLY B 40 -7.90 25.83 -11.36
C GLY B 40 -6.95 26.43 -10.34
N LEU B 41 -5.79 26.92 -10.83
CA LEU B 41 -4.81 27.55 -9.94
C LEU B 41 -5.31 28.84 -9.28
N ARG B 42 -5.92 29.72 -10.08
CA ARG B 42 -6.48 30.98 -9.54
C ARG B 42 -7.58 30.76 -8.49
N ASP B 43 -8.41 29.75 -8.67
CA ASP B 43 -9.42 29.39 -7.65
C ASP B 43 -8.81 29.11 -6.27
N ALA B 44 -7.57 28.61 -6.24
CA ALA B 44 -6.88 28.31 -4.99
C ALA B 44 -6.03 29.48 -4.48
N GLY B 45 -6.15 30.65 -5.12
CA GLY B 45 -5.41 31.85 -4.70
C GLY B 45 -3.94 31.90 -5.16
N ILE B 46 -3.58 31.09 -6.14
CA ILE B 46 -2.20 31.05 -6.64
C ILE B 46 -2.00 32.12 -7.71
N ASP B 47 -0.85 32.75 -7.69
CA ASP B 47 -0.53 33.87 -8.56
C ASP B 47 -0.09 33.34 -9.93
N ALA B 48 -1.07 32.87 -10.71
CA ALA B 48 -0.80 32.16 -11.96
C ALA B 48 -1.15 32.98 -13.22
N HIS B 49 -0.33 32.84 -14.26
CA HIS B 49 -0.49 33.61 -15.49
C HIS B 49 -0.25 32.76 -16.69
N PRO B 50 -1.00 33.00 -17.79
CA PRO B 50 -0.78 32.22 -18.98
C PRO B 50 0.53 32.61 -19.65
N PHE B 51 1.18 31.65 -20.30
CA PHE B 51 2.37 31.93 -21.07
C PHE B 51 2.44 31.01 -22.28
N ASP B 52 2.34 31.58 -23.47
CA ASP B 52 2.37 30.83 -24.71
C ASP B 52 3.74 30.97 -25.34
N PRO B 53 4.55 29.88 -25.34
CA PRO B 53 5.89 30.02 -25.91
C PRO B 53 5.92 30.20 -27.43
N ALA B 54 4.78 29.99 -28.12
CA ALA B 54 4.68 30.29 -29.56
C ALA B 54 4.55 31.79 -29.81
N GLN B 55 4.02 32.51 -28.83
CA GLN B 55 3.74 33.94 -28.94
C GLN B 55 4.61 34.84 -28.06
N ARG B 56 5.45 34.25 -27.23
CA ARG B 56 6.32 35.01 -26.33
C ARG B 56 7.65 34.34 -26.27
N PRO B 57 8.74 35.12 -26.23
CA PRO B 57 10.05 34.50 -26.10
C PRO B 57 10.20 33.78 -24.74
N LEU B 58 10.75 32.56 -24.76
CA LEU B 58 10.87 31.75 -23.55
C LEU B 58 11.70 32.41 -22.45
N ALA B 59 12.68 33.24 -22.86
CA ALA B 59 13.54 33.92 -21.90
C ALA B 59 12.76 34.91 -21.04
N ALA B 60 11.57 35.27 -21.49
CA ALA B 60 10.74 36.19 -20.74
C ALA B 60 10.24 35.57 -19.43
N LEU B 61 10.27 34.23 -19.31
CA LEU B 61 9.88 33.57 -18.06
C LEU B 61 10.80 34.03 -16.94
N LYS B 62 12.10 33.96 -17.20
CA LYS B 62 13.08 34.38 -16.20
C LYS B 62 13.05 35.90 -16.03
N ASP B 63 12.93 36.64 -17.13
CA ASP B 63 12.91 38.09 -17.10
C ASP B 63 11.69 38.65 -16.37
N GLU B 64 10.59 37.90 -16.37
CA GLU B 64 9.38 38.31 -15.70
C GLU B 64 9.22 37.74 -14.27
N GLY B 65 10.25 37.09 -13.75
CA GLY B 65 10.25 36.61 -12.36
C GLY B 65 9.36 35.41 -12.06
N PHE B 66 9.11 34.59 -13.08
CA PHE B 66 8.38 33.35 -12.85
C PHE B 66 9.31 32.39 -12.12
N VAL B 67 8.83 31.75 -11.07
CA VAL B 67 9.65 30.81 -10.32
C VAL B 67 9.33 29.34 -10.71
N ARG B 68 8.11 29.10 -11.21
CA ARG B 68 7.72 27.78 -11.59
C ARG B 68 6.69 27.84 -12.71
N ALA B 69 6.49 26.68 -13.36
CA ALA B 69 5.59 26.56 -14.51
C ALA B 69 4.77 25.31 -14.38
N PHE B 70 3.47 25.42 -14.66
CA PHE B 70 2.62 24.26 -14.87
C PHE B 70 2.63 23.97 -16.36
N ASN B 71 3.18 22.82 -16.75
CA ASN B 71 3.26 22.48 -18.20
C ASN B 71 1.90 21.94 -18.68
N ALA B 72 1.19 22.70 -19.51
CA ALA B 72 -0.04 22.21 -20.14
C ALA B 72 0.10 22.09 -21.67
N LEU B 73 1.33 21.99 -22.15
CA LEU B 73 1.60 21.84 -23.57
C LEU B 73 1.41 20.38 -24.00
N HIS B 74 1.20 20.14 -25.28
CA HIS B 74 1.10 18.76 -25.82
C HIS B 74 1.76 18.63 -27.15
N GLY B 75 2.57 17.59 -27.28
CA GLY B 75 3.30 17.34 -28.51
C GLY B 75 4.46 18.30 -28.71
N GLY B 76 5.29 17.98 -29.70
CA GLY B 76 6.48 18.75 -30.00
C GLY B 76 7.34 18.98 -28.76
N TYR B 77 7.87 20.19 -28.67
CA TYR B 77 8.84 20.53 -27.66
C TYR B 77 8.28 20.45 -26.23
N GLY B 78 6.95 20.40 -26.09
CA GLY B 78 6.32 20.35 -24.77
C GLY B 78 6.53 19.11 -23.94
N GLU B 79 6.79 17.99 -24.60
CA GLU B 79 6.77 16.71 -23.90
C GLU B 79 8.00 15.83 -24.16
N ASN B 80 8.95 16.32 -24.94
CA ASN B 80 10.05 15.48 -25.41
C ASN B 80 11.39 15.83 -24.80
N GLY B 81 11.38 16.68 -23.77
CA GLY B 81 12.60 17.05 -23.06
C GLY B 81 13.15 18.38 -23.49
N GLN B 82 12.69 18.91 -24.64
CA GLN B 82 13.23 20.17 -25.14
C GLN B 82 12.88 21.34 -24.24
N ILE B 83 11.60 21.53 -23.95
CA ILE B 83 11.16 22.63 -23.11
C ILE B 83 11.60 22.41 -21.67
N GLN B 84 11.64 21.15 -21.25
CA GLN B 84 12.17 20.83 -19.94
C GLN B 84 13.67 21.23 -19.79
N GLY B 85 14.48 20.88 -20.78
CA GLY B 85 15.90 21.27 -20.78
C GLY B 85 16.03 22.77 -20.75
N ALA B 86 15.22 23.45 -21.56
CA ALA B 86 15.30 24.91 -21.68
C ALA B 86 14.91 25.57 -20.37
N LEU B 87 13.87 25.05 -19.74
CA LEU B 87 13.44 25.58 -18.46
C LEU B 87 14.46 25.35 -17.34
N ASP B 88 15.08 24.17 -17.31
CA ASP B 88 16.22 23.93 -16.42
C ASP B 88 17.33 24.97 -16.67
N PHE B 89 17.60 25.24 -17.94
CA PHE B 89 18.65 26.23 -18.32
C PHE B 89 18.34 27.58 -17.73
N TYR B 90 17.07 27.99 -17.76
CA TYR B 90 16.65 29.26 -17.19
C TYR B 90 16.30 29.20 -15.69
N GLY B 91 16.59 28.12 -14.99
CA GLY B 91 16.35 28.05 -13.54
C GLY B 91 14.87 27.99 -13.10
N ILE B 92 13.97 27.62 -14.02
CA ILE B 92 12.54 27.59 -13.76
C ILE B 92 12.11 26.15 -13.42
N ARG B 93 11.49 25.95 -12.28
CA ARG B 93 10.92 24.62 -11.93
C ARG B 93 9.59 24.37 -12.68
N TYR B 94 9.26 23.11 -12.95
CA TYR B 94 8.08 22.78 -13.78
C TYR B 94 7.50 21.46 -13.36
N THR B 95 6.22 21.29 -13.63
CA THR B 95 5.51 20.05 -13.35
C THR B 95 5.92 19.02 -14.35
N GLY B 96 5.63 17.77 -14.03
CA GLY B 96 6.00 16.67 -14.87
C GLY B 96 7.45 16.31 -14.62
N SER B 97 8.03 15.58 -15.56
CA SER B 97 9.35 15.00 -15.38
C SER B 97 10.41 15.86 -16.01
N GLY B 98 11.65 15.62 -15.58
CA GLY B 98 12.79 16.26 -16.17
C GLY B 98 13.15 15.79 -17.55
N VAL B 99 14.34 16.20 -17.98
CA VAL B 99 14.77 15.98 -19.33
C VAL B 99 14.81 14.52 -19.67
N LEU B 100 15.49 13.74 -18.84
CA LEU B 100 15.69 12.35 -19.17
C LEU B 100 14.37 11.61 -19.12
N GLY B 101 13.61 11.78 -18.04
CA GLY B 101 12.32 11.09 -17.88
C GLY B 101 11.31 11.46 -18.97
N SER B 102 11.29 12.71 -19.38
CA SER B 102 10.43 13.13 -20.47
C SER B 102 10.86 12.52 -21.80
N ALA B 103 12.14 12.61 -22.12
CA ALA B 103 12.63 12.09 -23.40
C ALA B 103 12.49 10.59 -23.44
N LEU B 104 12.89 9.93 -22.35
CA LEU B 104 12.78 8.45 -22.28
C LEU B 104 11.33 7.98 -22.30
N GLY B 105 10.46 8.67 -21.56
CA GLY B 105 9.03 8.35 -21.52
C GLY B 105 8.32 8.39 -22.87
N LEU B 106 8.65 9.38 -23.69
CA LEU B 106 8.07 9.45 -25.04
C LEU B 106 8.66 8.41 -25.97
N ASP B 107 9.86 7.93 -25.67
CA ASP B 107 10.51 6.93 -26.53
C ASP B 107 10.03 5.53 -26.08
N LYS B 108 9.03 5.01 -26.77
CA LYS B 108 8.40 3.76 -26.37
C LYS B 108 9.36 2.57 -26.34
N PHE B 109 10.26 2.55 -27.32
CA PHE B 109 11.27 1.50 -27.45
C PHE B 109 12.22 1.51 -26.25
N ARG B 110 12.79 2.67 -25.93
CA ARG B 110 13.80 2.73 -24.90
C ARG B 110 13.21 2.59 -23.47
N THR B 111 11.97 3.02 -23.30
CA THR B 111 11.20 2.69 -22.11
C THR B 111 11.12 1.20 -21.85
N LYS B 112 10.78 0.45 -22.89
CA LYS B 112 10.61 -0.97 -22.75
C LYS B 112 11.95 -1.67 -22.49
N LEU B 113 13.03 -1.17 -23.08
CA LEU B 113 14.35 -1.68 -22.75
C LEU B 113 14.66 -1.56 -21.28
N VAL B 114 14.36 -0.40 -20.71
CA VAL B 114 14.66 -0.16 -19.29
C VAL B 114 13.80 -1.06 -18.41
N TRP B 115 12.53 -1.19 -18.78
CA TRP B 115 11.61 -2.05 -18.08
C TRP B 115 12.00 -3.51 -18.10
N GLN B 116 12.30 -4.04 -19.27
CA GLN B 116 12.64 -5.47 -19.37
C GLN B 116 13.95 -5.78 -18.68
N GLN B 117 14.88 -4.83 -18.65
CA GLN B 117 16.16 -5.08 -18.00
C GLN B 117 16.00 -4.97 -16.46
N THR B 118 14.99 -4.23 -15.97
CA THR B 118 14.87 -3.99 -14.52
C THR B 118 13.75 -4.86 -13.91
N GLY B 119 13.12 -5.74 -14.69
CA GLY B 119 12.06 -6.63 -14.18
C GLY B 119 10.68 -6.00 -14.00
N ILE B 120 10.40 -4.84 -14.61
CA ILE B 120 9.01 -4.36 -14.72
C ILE B 120 8.42 -5.23 -15.79
N PRO B 121 7.29 -5.93 -15.51
CA PRO B 121 6.78 -6.83 -16.54
C PRO B 121 6.23 -6.08 -17.75
N THR B 122 6.63 -6.52 -18.94
CA THR B 122 6.34 -5.83 -20.20
C THR B 122 6.30 -6.96 -21.24
N PRO B 123 5.60 -6.75 -22.37
CA PRO B 123 5.52 -7.89 -23.27
C PRO B 123 6.93 -8.32 -23.72
N PRO B 124 7.21 -9.63 -23.70
CA PRO B 124 8.62 -10.00 -23.96
C PRO B 124 9.04 -9.68 -25.40
N PHE B 125 10.31 -9.36 -25.59
CA PHE B 125 10.82 -9.02 -26.93
C PHE B 125 12.33 -9.17 -27.01
N GLU B 126 12.86 -9.13 -28.24
CA GLU B 126 14.29 -9.13 -28.51
C GLU B 126 14.60 -8.01 -29.51
N THR B 127 15.89 -7.63 -29.60
CA THR B 127 16.30 -6.58 -30.54
C THR B 127 17.33 -7.11 -31.53
N VAL B 128 17.29 -6.57 -32.73
CA VAL B 128 18.24 -6.87 -33.79
C VAL B 128 18.67 -5.53 -34.40
N MET B 129 19.93 -5.45 -34.80
CA MET B 129 20.42 -4.23 -35.44
C MET B 129 20.84 -4.47 -36.89
N ARG B 130 20.81 -3.40 -37.68
CA ARG B 130 21.31 -3.43 -39.04
C ARG B 130 22.69 -4.06 -39.06
N GLY B 131 22.88 -5.03 -39.94
CA GLY B 131 24.19 -5.66 -40.10
C GLY B 131 24.38 -6.95 -39.31
N ASP B 132 23.48 -7.25 -38.38
CA ASP B 132 23.54 -8.52 -37.64
C ASP B 132 23.31 -9.70 -38.56
N ASP B 133 23.70 -10.87 -38.07
CA ASP B 133 23.44 -12.11 -38.78
C ASP B 133 21.94 -12.47 -38.61
N TYR B 134 21.11 -12.02 -39.57
CA TYR B 134 19.66 -12.09 -39.40
C TYR B 134 19.16 -13.52 -39.26
N ALA B 135 19.76 -14.43 -40.01
CA ALA B 135 19.42 -15.84 -39.96
C ALA B 135 19.69 -16.45 -38.57
N ALA B 136 20.85 -16.12 -37.99
CA ALA B 136 21.22 -16.59 -36.63
C ALA B 136 20.29 -16.00 -35.55
N ARG B 137 20.06 -14.70 -35.61
CA ARG B 137 19.20 -14.01 -34.64
C ARG B 137 17.76 -14.55 -34.73
N ALA B 138 17.26 -14.75 -35.95
CA ALA B 138 15.90 -15.31 -36.13
C ALA B 138 15.73 -16.63 -35.39
N GLN B 139 16.70 -17.53 -35.54
CA GLN B 139 16.62 -18.85 -34.90
C GLN B 139 16.60 -18.75 -33.37
N ASP B 140 17.49 -17.95 -32.81
CA ASP B 140 17.54 -17.76 -31.35
C ASP B 140 16.25 -17.04 -30.82
N ILE B 141 15.75 -16.06 -31.56
CA ILE B 141 14.51 -15.36 -31.17
C ILE B 141 13.28 -16.27 -31.19
N VAL B 142 13.12 -17.07 -32.25
CA VAL B 142 12.04 -18.03 -32.35
C VAL B 142 12.09 -19.04 -31.17
N ALA B 143 13.29 -19.49 -30.82
CA ALA B 143 13.47 -20.42 -29.68
C ALA B 143 13.01 -19.81 -28.35
N LYS B 144 13.32 -18.53 -28.12
CA LYS B 144 12.91 -17.88 -26.87
C LYS B 144 11.43 -17.44 -26.89
N LEU B 145 11.00 -16.82 -27.98
CA LEU B 145 9.70 -16.14 -28.01
C LEU B 145 8.55 -16.92 -28.66
N GLY B 146 8.85 -17.90 -29.51
CA GLY B 146 7.80 -18.59 -30.22
C GLY B 146 7.30 -17.79 -31.40
N VAL B 147 6.20 -18.24 -31.98
CA VAL B 147 5.61 -17.71 -33.20
C VAL B 147 4.11 -17.62 -32.95
N PRO B 148 3.37 -16.66 -33.57
CA PRO B 148 3.78 -15.53 -34.44
C PRO B 148 4.56 -14.46 -33.68
N LEU B 149 5.24 -13.61 -34.44
CA LEU B 149 6.05 -12.53 -33.88
C LEU B 149 5.71 -11.25 -34.60
N PHE B 150 5.92 -10.11 -33.94
CA PHE B 150 5.62 -8.81 -34.50
C PHE B 150 6.90 -8.01 -34.60
N VAL B 151 7.19 -7.55 -35.80
CA VAL B 151 8.44 -6.92 -36.12
C VAL B 151 8.22 -5.46 -36.54
N LYS B 152 8.98 -4.56 -35.91
CA LYS B 152 8.85 -3.13 -36.13
C LYS B 152 10.21 -2.44 -36.00
N PRO B 153 10.48 -1.45 -36.87
CA PRO B 153 11.61 -0.59 -36.57
C PRO B 153 11.37 0.12 -35.24
N ALA B 154 12.44 0.48 -34.55
CA ALA B 154 12.33 0.93 -33.18
C ALA B 154 11.94 2.41 -33.06
N SER B 155 12.21 3.22 -34.10
CA SER B 155 11.76 4.62 -34.16
C SER B 155 10.28 4.71 -34.55
N VAL B 162 3.59 -2.34 -38.20
CA VAL B 162 3.94 -3.65 -37.62
C VAL B 162 3.67 -4.80 -38.58
N GLU B 163 4.72 -5.51 -39.00
CA GLU B 163 4.55 -6.75 -39.75
C GLU B 163 4.41 -7.92 -38.78
N LYS B 164 3.45 -8.80 -39.02
CA LYS B 164 3.35 -10.06 -38.29
C LYS B 164 4.10 -11.10 -39.09
N VAL B 165 4.88 -11.92 -38.40
CA VAL B 165 5.60 -13.01 -39.03
C VAL B 165 5.06 -14.29 -38.42
N LYS B 166 4.54 -15.17 -39.28
CA LYS B 166 3.79 -16.36 -38.83
C LYS B 166 4.63 -17.64 -38.85
N SER B 167 5.73 -17.61 -39.59
CA SER B 167 6.59 -18.77 -39.71
C SER B 167 8.04 -18.39 -39.40
N ALA B 168 8.75 -19.28 -38.71
CA ALA B 168 10.15 -19.08 -38.37
C ALA B 168 10.96 -18.68 -39.61
N ASP B 169 10.66 -19.33 -40.73
CA ASP B 169 11.41 -19.16 -41.99
C ASP B 169 11.21 -17.77 -42.61
N ALA B 170 10.09 -17.13 -42.35
CA ALA B 170 9.82 -15.79 -42.87
C ALA B 170 10.49 -14.67 -42.04
N LEU B 171 11.11 -14.99 -40.91
CA LEU B 171 11.60 -13.94 -39.97
C LEU B 171 12.88 -13.23 -40.44
N PRO B 172 13.89 -13.98 -40.96
CA PRO B 172 15.07 -13.31 -41.51
C PRO B 172 14.72 -12.18 -42.46
N ALA B 173 13.79 -12.44 -43.35
CA ALA B 173 13.35 -11.41 -44.32
C ALA B 173 12.67 -10.22 -43.66
N ALA B 174 11.90 -10.47 -42.59
CA ALA B 174 11.23 -9.38 -41.85
C ALA B 174 12.24 -8.52 -41.09
N LEU B 175 13.33 -9.16 -40.63
CA LEU B 175 14.38 -8.43 -39.94
C LEU B 175 15.17 -7.56 -40.94
N GLU B 176 15.53 -8.14 -42.08
CA GLU B 176 16.20 -7.42 -43.15
C GLU B 176 15.37 -6.20 -43.58
N GLU B 177 14.06 -6.38 -43.70
CA GLU B 177 13.17 -5.33 -44.24
C GLU B 177 12.90 -4.23 -43.21
N ALA B 178 12.78 -4.61 -41.94
CA ALA B 178 12.61 -3.63 -40.86
C ALA B 178 13.92 -2.84 -40.61
N ALA B 179 15.07 -3.50 -40.75
CA ALA B 179 16.38 -2.85 -40.63
C ALA B 179 16.68 -1.80 -41.71
N LYS B 180 16.02 -1.92 -42.86
CA LYS B 180 16.10 -0.84 -43.89
C LYS B 180 15.55 0.47 -43.32
N HIS B 181 14.54 0.37 -42.45
CA HIS B 181 13.79 1.51 -41.97
C HIS B 181 14.38 2.14 -40.76
N ASP B 182 15.08 1.34 -39.96
CA ASP B 182 15.74 1.82 -38.75
C ASP B 182 16.96 1.00 -38.38
N LYS B 183 17.93 1.62 -37.72
CA LYS B 183 19.16 0.91 -37.38
C LYS B 183 18.87 -0.15 -36.31
N ILE B 184 17.77 -0.02 -35.59
CA ILE B 184 17.35 -0.99 -34.59
C ILE B 184 15.92 -1.49 -34.86
N VAL B 185 15.72 -2.79 -34.74
CA VAL B 185 14.46 -3.44 -34.97
C VAL B 185 14.07 -4.24 -33.70
N ILE B 186 12.79 -4.17 -33.36
CA ILE B 186 12.27 -4.89 -32.20
C ILE B 186 11.38 -6.02 -32.65
N VAL B 187 11.51 -7.16 -32.01
CA VAL B 187 10.73 -8.34 -32.32
C VAL B 187 9.95 -8.76 -31.07
N GLU B 188 8.63 -8.70 -31.16
CA GLU B 188 7.77 -8.87 -29.99
C GLU B 188 6.97 -10.14 -30.07
N LYS B 189 6.82 -10.78 -28.92
CA LYS B 189 5.98 -11.96 -28.74
C LYS B 189 4.51 -11.56 -28.91
N SER B 190 3.73 -12.49 -29.42
CA SER B 190 2.29 -12.33 -29.47
C SER B 190 1.71 -12.62 -28.09
N ILE B 191 0.82 -11.76 -27.64
CA ILE B 191 0.08 -12.02 -26.41
C ILE B 191 -1.40 -11.69 -26.67
N GLU B 192 -2.30 -12.55 -26.25
CA GLU B 192 -3.70 -12.22 -26.36
C GLU B 192 -4.06 -11.05 -25.42
N GLY B 193 -4.91 -10.15 -25.92
CA GLY B 193 -5.45 -9.02 -25.17
C GLY B 193 -6.57 -9.42 -24.20
N GLY B 194 -6.27 -9.37 -22.91
CA GLY B 194 -7.19 -9.77 -21.85
C GLY B 194 -7.62 -8.59 -20.98
N GLY B 195 -7.61 -7.40 -21.58
CA GLY B 195 -8.04 -6.17 -20.93
C GLY B 195 -6.90 -5.16 -20.90
N GLU B 196 -7.20 -3.90 -21.24
CA GLU B 196 -6.23 -2.81 -21.17
C GLU B 196 -6.66 -1.84 -20.08
N TYR B 197 -5.69 -1.36 -19.32
CA TYR B 197 -5.93 -0.52 -18.16
C TYR B 197 -4.94 0.64 -18.10
N THR B 198 -5.30 1.70 -17.41
CA THR B 198 -4.36 2.79 -17.18
C THR B 198 -4.42 3.25 -15.74
N ALA B 199 -3.24 3.50 -15.19
CA ALA B 199 -3.09 4.01 -13.82
C ALA B 199 -2.66 5.45 -13.91
N CYS B 200 -3.52 6.39 -13.49
CA CYS B 200 -3.11 7.78 -13.33
C CYS B 200 -2.34 7.98 -12.02
N ILE B 201 -1.24 8.69 -12.11
CA ILE B 201 -0.42 8.96 -10.94
C ILE B 201 -0.38 10.48 -10.79
N ALA B 202 -0.68 10.96 -9.59
CA ALA B 202 -0.68 12.38 -9.27
C ALA B 202 -0.26 12.59 -7.83
N ALA B 203 1.06 12.79 -7.61
CA ALA B 203 1.63 12.97 -6.27
C ALA B 203 1.20 11.82 -5.37
N ASP B 204 0.72 12.11 -4.16
CA ASP B 204 0.28 11.08 -3.22
C ASP B 204 -1.20 10.70 -3.36
N LEU B 205 -1.91 11.20 -4.37
CA LEU B 205 -3.33 10.92 -4.47
C LEU B 205 -3.60 9.46 -4.84
N ASP B 206 -4.67 8.89 -4.29
CA ASP B 206 -4.99 7.50 -4.54
C ASP B 206 -6.07 7.50 -5.63
N LEU B 207 -5.63 7.40 -6.88
CA LEU B 207 -6.53 7.45 -8.01
C LEU B 207 -6.84 6.04 -8.48
N PRO B 208 -8.11 5.78 -8.83
CA PRO B 208 -8.49 4.44 -9.23
C PRO B 208 -8.00 4.12 -10.64
N LEU B 209 -7.73 2.84 -10.89
CA LEU B 209 -7.44 2.37 -12.23
C LEU B 209 -8.62 2.63 -13.14
N ILE B 210 -8.32 2.77 -14.43
CA ILE B 210 -9.32 2.98 -15.45
C ILE B 210 -9.15 1.85 -16.48
N ARG B 211 -10.24 1.18 -16.83
CA ARG B 211 -10.21 0.25 -17.92
C ARG B 211 -10.49 0.99 -19.22
N ILE B 212 -9.62 0.77 -20.19
CA ILE B 212 -9.75 1.35 -21.52
C ILE B 212 -10.34 0.28 -22.42
N VAL B 213 -11.50 0.54 -22.97
CA VAL B 213 -12.17 -0.41 -23.81
C VAL B 213 -12.38 0.21 -25.18
N PRO B 214 -11.53 -0.15 -26.16
CA PRO B 214 -11.73 0.37 -27.50
C PRO B 214 -12.86 -0.35 -28.23
N ALA B 215 -13.29 0.24 -29.33
CA ALA B 215 -14.50 -0.20 -30.04
C ALA B 215 -14.32 -1.66 -30.43
N GLY B 216 -15.35 -2.47 -30.16
CA GLY B 216 -15.33 -3.88 -30.53
C GLY B 216 -14.98 -4.85 -29.40
N GLU B 217 -14.33 -4.37 -28.34
CA GLU B 217 -14.12 -5.17 -27.10
C GLU B 217 -15.40 -5.21 -26.21
N PHE B 218 -15.73 -6.39 -25.67
CA PHE B 218 -16.91 -6.56 -24.83
C PHE B 218 -16.52 -6.57 -23.36
N TYR B 219 -17.47 -6.27 -22.49
CA TYR B 219 -17.23 -6.23 -21.06
C TYR B 219 -18.59 -6.33 -20.38
N ASP B 220 -18.63 -6.31 -19.05
CA ASP B 220 -19.81 -6.73 -18.27
C ASP B 220 -20.44 -5.66 -17.41
N TYR B 221 -21.77 -5.61 -17.40
CA TYR B 221 -22.52 -4.65 -16.59
C TYR B 221 -24.00 -4.98 -16.77
N HIS B 222 -24.85 -4.37 -15.95
CA HIS B 222 -26.31 -4.50 -16.03
C HIS B 222 -26.96 -3.46 -16.92
N ALA B 223 -26.67 -2.19 -16.67
CA ALA B 223 -27.15 -1.07 -17.51
C ALA B 223 -26.23 0.12 -17.38
N LYS B 224 -25.70 0.54 -18.54
CA LYS B 224 -24.79 1.68 -18.64
C LYS B 224 -25.07 2.52 -19.90
N TYR B 225 -24.80 3.80 -19.82
CA TYR B 225 -24.78 4.64 -21.02
C TYR B 225 -23.45 4.43 -21.74
N ILE B 226 -23.53 4.10 -23.03
CA ILE B 226 -22.33 3.72 -23.78
C ILE B 226 -21.82 4.87 -24.67
N ALA B 227 -20.52 5.16 -24.57
CA ALA B 227 -19.87 6.20 -25.37
C ALA B 227 -19.68 5.76 -26.82
N ASN B 228 -19.59 6.74 -27.73
CA ASN B 228 -19.11 6.45 -29.08
C ASN B 228 -17.63 6.05 -29.03
N ASP B 229 -17.23 5.10 -29.87
CA ASP B 229 -15.84 4.73 -30.00
C ASP B 229 -15.29 4.12 -28.67
N THR B 230 -14.29 4.73 -28.04
CA THR B 230 -13.55 4.12 -26.94
C THR B 230 -14.19 4.47 -25.58
N GLN B 231 -14.39 3.48 -24.71
CA GLN B 231 -14.90 3.72 -23.36
C GLN B 231 -13.78 3.74 -22.31
N TYR B 232 -13.98 4.57 -21.30
CA TYR B 232 -13.10 4.66 -20.14
C TYR B 232 -13.93 4.36 -18.91
N LEU B 233 -13.65 3.23 -18.30
CA LEU B 233 -14.51 2.72 -17.23
C LEU B 233 -13.87 2.82 -15.85
N ILE B 234 -14.60 3.46 -14.94
CA ILE B 234 -14.36 3.41 -13.52
C ILE B 234 -15.68 3.02 -12.85
N PRO B 235 -15.69 1.99 -11.98
CA PRO B 235 -14.58 1.10 -11.57
C PRO B 235 -14.04 0.26 -12.73
N CYS B 236 -12.79 -0.14 -12.65
CA CYS B 236 -12.16 -0.81 -13.79
C CYS B 236 -12.60 -2.27 -13.94
N GLY B 237 -13.19 -2.84 -12.89
CA GLY B 237 -13.72 -4.20 -12.88
C GLY B 237 -12.81 -5.25 -12.25
N LEU B 238 -11.62 -4.85 -11.82
CA LEU B 238 -10.69 -5.76 -11.14
C LEU B 238 -10.91 -5.71 -9.62
N ASP B 239 -10.56 -6.80 -8.94
CA ASP B 239 -10.66 -6.84 -7.48
C ASP B 239 -9.65 -5.92 -6.79
N ALA B 240 -9.92 -5.55 -5.55
CA ALA B 240 -9.13 -4.55 -4.83
C ALA B 240 -7.65 -4.96 -4.68
N ALA B 241 -7.39 -6.26 -4.51
CA ALA B 241 -6.02 -6.73 -4.33
C ALA B 241 -5.17 -6.59 -5.63
N LYS B 242 -5.80 -6.86 -6.77
CA LYS B 242 -5.14 -6.73 -8.08
C LYS B 242 -4.95 -5.26 -8.44
N GLU B 243 -5.98 -4.45 -8.18
CA GLU B 243 -5.91 -3.03 -8.41
C GLU B 243 -4.69 -2.44 -7.66
N ALA B 244 -4.60 -2.77 -6.36
CA ALA B 244 -3.50 -2.36 -5.53
C ALA B 244 -2.15 -2.86 -6.06
N GLU B 245 -2.07 -4.14 -6.38
CA GLU B 245 -0.79 -4.68 -6.89
C GLU B 245 -0.35 -4.02 -8.22
N PHE B 246 -1.30 -3.75 -9.10
CA PHE B 246 -0.95 -3.15 -10.39
C PHE B 246 -0.60 -1.67 -10.25
N LYS B 247 -1.24 -0.96 -9.30
CA LYS B 247 -0.88 0.45 -9.02
C LYS B 247 0.55 0.58 -8.48
N ARG B 248 0.97 -0.40 -7.67
CA ARG B 248 2.35 -0.44 -7.13
C ARG B 248 3.37 -0.64 -8.24
N ILE B 249 3.10 -1.59 -9.10
CA ILE B 249 3.98 -1.80 -10.25
C ILE B 249 4.06 -0.56 -11.15
N ALA B 250 2.93 0.11 -11.34
CA ALA B 250 2.88 1.36 -12.11
C ALA B 250 3.80 2.41 -11.56
N ARG B 251 3.84 2.55 -10.23
CA ARG B 251 4.75 3.52 -9.60
C ARG B 251 6.19 3.10 -9.80
N ARG B 252 6.46 1.81 -9.69
CA ARG B 252 7.84 1.32 -9.95
C ARG B 252 8.24 1.60 -11.41
N ALA B 253 7.29 1.49 -12.33
CA ALA B 253 7.57 1.66 -13.76
C ALA B 253 7.96 3.10 -14.07
N PHE B 254 7.36 4.06 -13.36
CA PHE B 254 7.80 5.48 -13.40
C PHE B 254 9.18 5.70 -12.80
N ASP B 255 9.39 5.17 -11.60
CA ASP B 255 10.64 5.30 -10.85
C ASP B 255 11.84 4.83 -11.66
N VAL B 256 11.77 3.68 -12.33
CA VAL B 256 12.95 3.21 -13.05
C VAL B 256 13.29 4.07 -14.27
N LEU B 257 12.30 4.75 -14.83
CA LEU B 257 12.55 5.66 -15.93
C LEU B 257 13.06 7.04 -15.51
N GLY B 258 13.10 7.31 -14.19
CA GLY B 258 13.46 8.65 -13.72
C GLY B 258 12.32 9.65 -13.84
N CYS B 259 11.09 9.17 -13.90
CA CYS B 259 9.93 10.05 -14.04
C CYS B 259 9.40 10.54 -12.70
N THR B 260 8.87 11.75 -12.68
CA THR B 260 8.21 12.31 -11.46
C THR B 260 6.83 11.70 -11.39
N ASP B 261 6.18 11.72 -10.22
CA ASP B 261 4.82 11.14 -10.09
C ASP B 261 3.67 12.00 -10.62
N TRP B 262 3.66 12.16 -11.93
CA TRP B 262 2.59 12.86 -12.63
C TRP B 262 2.52 12.25 -13.98
N GLY B 263 1.42 11.58 -14.27
CA GLY B 263 1.29 10.90 -15.56
C GLY B 263 0.38 9.72 -15.53
N ARG B 264 0.42 8.94 -16.62
CA ARG B 264 -0.36 7.70 -16.78
C ARG B 264 0.58 6.60 -17.14
N ALA B 265 0.36 5.41 -16.57
CA ALA B 265 0.99 4.20 -17.03
C ALA B 265 -0.07 3.24 -17.60
N ASP B 266 0.08 2.86 -18.88
CA ASP B 266 -0.85 1.96 -19.54
C ASP B 266 -0.34 0.51 -19.42
N PHE B 267 -1.24 -0.44 -19.17
CA PHE B 267 -0.86 -1.85 -19.15
C PHE B 267 -2.02 -2.75 -19.58
N MET B 268 -1.69 -4.00 -19.84
CA MET B 268 -2.67 -4.98 -20.26
C MET B 268 -2.54 -6.22 -19.42
N LEU B 269 -3.59 -7.05 -19.46
CA LEU B 269 -3.55 -8.38 -18.86
C LEU B 269 -3.64 -9.44 -19.95
N ASP B 270 -2.97 -10.59 -19.76
CA ASP B 270 -3.21 -11.75 -20.62
C ASP B 270 -4.36 -12.52 -19.99
N ALA B 271 -4.76 -13.61 -20.63
CA ALA B 271 -5.92 -14.39 -20.18
C ALA B 271 -5.71 -14.98 -18.78
N ALA B 272 -4.46 -15.27 -18.40
CA ALA B 272 -4.20 -15.79 -17.04
C ALA B 272 -4.15 -14.68 -15.98
N GLY B 273 -4.33 -13.42 -16.39
CA GLY B 273 -4.30 -12.32 -15.43
C GLY B 273 -2.92 -11.74 -15.13
N ASN B 274 -1.88 -12.11 -15.87
CA ASN B 274 -0.55 -11.46 -15.72
C ASN B 274 -0.53 -10.05 -16.34
N PRO B 275 0.08 -9.06 -15.66
CA PRO B 275 0.17 -7.71 -16.20
C PRO B 275 1.40 -7.52 -17.09
N TYR B 276 1.27 -6.67 -18.11
CA TYR B 276 2.36 -6.30 -18.99
C TYR B 276 2.23 -4.80 -19.23
N PHE B 277 3.24 -4.03 -18.84
CA PHE B 277 3.20 -2.59 -19.02
C PHE B 277 3.62 -2.21 -20.45
N LEU B 278 2.93 -1.23 -21.02
CA LEU B 278 3.06 -0.86 -22.44
C LEU B 278 3.71 0.49 -22.68
N GLU B 279 3.30 1.51 -21.93
CA GLU B 279 3.88 2.86 -22.09
C GLU B 279 3.47 3.77 -20.94
N VAL B 280 4.19 4.88 -20.84
CA VAL B 280 3.85 5.95 -19.94
C VAL B 280 3.53 7.19 -20.76
N ASN B 281 2.80 8.09 -20.13
CA ASN B 281 2.53 9.41 -20.68
C ASN B 281 2.85 10.37 -19.54
N THR B 282 3.86 11.21 -19.71
CA THR B 282 4.29 12.13 -18.65
C THR B 282 3.67 13.53 -18.83
N ALA B 283 2.78 13.70 -19.80
CA ALA B 283 2.08 14.97 -20.04
C ALA B 283 0.62 14.64 -20.33
N PRO B 284 -0.11 14.17 -19.31
CA PRO B 284 -1.48 13.77 -19.57
C PRO B 284 -2.45 14.94 -19.84
N GLY B 285 -3.58 14.61 -20.48
CA GLY B 285 -4.62 15.59 -20.80
C GLY B 285 -5.15 16.25 -19.53
N MET B 286 -5.55 17.52 -19.64
CA MET B 286 -6.18 18.23 -18.54
C MET B 286 -7.46 19.00 -18.96
N THR B 287 -8.08 18.55 -20.04
CA THR B 287 -9.42 19.05 -20.41
C THR B 287 -10.44 18.43 -19.46
N ASP B 288 -11.68 18.92 -19.53
CA ASP B 288 -12.76 18.43 -18.66
C ASP B 288 -13.01 16.92 -18.85
N HIS B 289 -12.80 16.42 -20.07
CA HIS B 289 -12.97 15.01 -20.38
C HIS B 289 -11.71 14.16 -20.32
N SER B 290 -10.57 14.71 -19.91
CA SER B 290 -9.31 13.94 -19.85
C SER B 290 -9.28 12.96 -18.65
N LEU B 291 -8.36 12.00 -18.70
CA LEU B 291 -8.40 10.89 -17.74
C LEU B 291 -8.05 11.26 -16.30
N PRO B 292 -7.02 12.11 -16.09
CA PRO B 292 -6.73 12.41 -14.69
C PRO B 292 -7.83 13.17 -13.96
N PRO B 293 -8.44 14.18 -14.59
CA PRO B 293 -9.60 14.78 -13.90
C PRO B 293 -10.75 13.80 -13.67
N LYS B 294 -11.01 12.92 -14.65
CA LYS B 294 -12.10 11.92 -14.49
C LYS B 294 -11.78 10.97 -13.31
N ALA B 295 -10.54 10.48 -13.22
CA ALA B 295 -10.16 9.57 -12.14
C ALA B 295 -10.26 10.28 -10.79
N ALA B 296 -9.87 11.54 -10.76
CA ALA B 296 -9.93 12.36 -9.56
C ALA B 296 -11.39 12.59 -9.14
N ARG B 297 -12.24 12.96 -10.09
CA ARG B 297 -13.66 13.14 -9.80
C ARG B 297 -14.28 11.88 -9.22
N ALA B 298 -13.91 10.74 -9.78
CA ALA B 298 -14.48 9.46 -9.35
C ALA B 298 -14.29 9.21 -7.85
N VAL B 299 -13.26 9.79 -7.24
CA VAL B 299 -13.08 9.63 -5.80
C VAL B 299 -13.24 10.98 -5.07
N GLY B 300 -14.02 11.87 -5.66
CA GLY B 300 -14.44 13.10 -4.97
C GLY B 300 -13.45 14.24 -4.96
N ILE B 301 -12.43 14.18 -5.82
CA ILE B 301 -11.37 15.19 -5.85
C ILE B 301 -11.62 16.09 -7.04
N GLY B 302 -11.81 17.38 -6.75
CA GLY B 302 -12.09 18.37 -7.78
C GLY B 302 -10.86 18.83 -8.58
N TYR B 303 -11.16 19.45 -9.71
CA TYR B 303 -10.15 19.88 -10.67
C TYR B 303 -9.08 20.80 -10.05
N SER B 304 -9.54 21.72 -9.23
CA SER B 304 -8.63 22.65 -8.56
C SER B 304 -7.68 21.92 -7.61
N GLU B 305 -8.21 21.00 -6.80
CA GLU B 305 -7.36 20.23 -5.88
C GLU B 305 -6.33 19.40 -6.64
N LEU B 306 -6.73 18.82 -7.76
CA LEU B 306 -5.81 18.08 -8.61
C LEU B 306 -4.63 18.95 -9.08
N VAL B 307 -4.91 20.12 -9.68
CA VAL B 307 -3.84 20.94 -10.22
C VAL B 307 -2.89 21.46 -9.12
N VAL B 308 -3.43 21.79 -7.93
CA VAL B 308 -2.57 22.19 -6.81
C VAL B 308 -1.63 21.05 -6.38
N LYS B 309 -2.17 19.85 -6.27
CA LYS B 309 -1.35 18.71 -5.91
C LYS B 309 -0.23 18.46 -6.93
N VAL B 310 -0.54 18.59 -8.22
CA VAL B 310 0.45 18.42 -9.23
C VAL B 310 1.54 19.48 -9.09
N LEU B 311 1.13 20.73 -8.86
CA LEU B 311 2.09 21.80 -8.73
C LEU B 311 2.96 21.64 -7.47
N SER B 312 2.42 21.00 -6.44
CA SER B 312 3.13 20.85 -5.16
C SER B 312 4.41 20.04 -5.29
N LEU B 313 4.48 19.18 -6.29
CA LEU B 313 5.70 18.39 -6.53
C LEU B 313 6.89 19.25 -6.90
N THR B 314 6.64 20.50 -7.32
CA THR B 314 7.72 21.41 -7.64
C THR B 314 8.26 22.11 -6.36
N LEU B 315 7.64 21.91 -5.19
CA LEU B 315 8.09 22.54 -3.92
C LEU B 315 9.22 21.76 -3.23
N ASP B 316 10.09 22.47 -2.53
CA ASP B 316 11.19 21.88 -1.71
C ASP B 316 12.25 21.17 -2.56
N ILE C 8 -29.61 19.24 -28.93
CA ILE C 8 -29.83 20.22 -27.82
C ILE C 8 -29.02 21.51 -28.04
N ASP C 9 -29.52 22.40 -28.89
CA ASP C 9 -28.79 23.63 -29.27
C ASP C 9 -28.77 24.61 -28.10
N PRO C 10 -27.56 24.98 -27.62
CA PRO C 10 -27.46 25.80 -26.41
C PRO C 10 -28.13 27.18 -26.47
N LYS C 11 -28.31 27.72 -27.67
CA LYS C 11 -28.98 29.02 -27.86
C LYS C 11 -30.47 29.00 -27.42
N ARG C 12 -31.07 27.83 -27.41
CA ARG C 12 -32.48 27.68 -26.99
C ARG C 12 -32.73 27.98 -25.52
N PHE C 13 -31.69 27.90 -24.70
CA PHE C 13 -31.84 28.25 -23.29
C PHE C 13 -31.88 29.74 -23.04
N GLY C 14 -31.37 30.54 -23.98
CA GLY C 14 -31.29 31.98 -23.77
C GLY C 14 -30.37 32.34 -22.60
N LYS C 15 -30.70 33.43 -21.89
CA LYS C 15 -29.86 33.93 -20.80
C LYS C 15 -30.25 33.26 -19.49
N VAL C 16 -29.27 32.57 -18.90
CA VAL C 16 -29.48 31.69 -17.74
C VAL C 16 -28.77 32.23 -16.51
N ALA C 17 -29.52 32.34 -15.41
CA ALA C 17 -28.93 32.70 -14.10
C ALA C 17 -28.65 31.44 -13.31
N VAL C 18 -27.49 31.35 -12.66
CA VAL C 18 -27.27 30.29 -11.67
C VAL C 18 -27.46 30.93 -10.31
N LEU C 19 -28.50 30.53 -9.59
CA LEU C 19 -28.77 31.06 -8.25
C LEU C 19 -27.89 30.36 -7.25
N LEU C 20 -27.00 31.13 -6.62
CA LEU C 20 -26.05 30.58 -5.65
C LEU C 20 -25.79 31.51 -4.47
N GLY C 21 -25.35 30.94 -3.36
CA GLY C 21 -25.04 31.72 -2.15
C GLY C 21 -26.19 31.74 -1.18
N GLY C 22 -26.92 32.86 -1.13
CA GLY C 22 -28.07 33.00 -0.23
C GLY C 22 -27.68 33.38 1.20
N ASP C 23 -28.69 33.45 2.07
CA ASP C 23 -28.52 33.87 3.46
C ASP C 23 -28.32 32.68 4.42
N SER C 24 -28.73 31.49 4.01
CA SER C 24 -28.78 30.31 4.90
C SER C 24 -27.41 29.82 5.43
N ALA C 25 -27.46 28.88 6.39
CA ALA C 25 -26.26 28.25 6.95
C ALA C 25 -25.49 27.41 5.92
N GLU C 26 -26.16 27.00 4.84
CA GLU C 26 -25.52 26.21 3.79
C GLU C 26 -24.96 27.08 2.64
N ARG C 27 -24.75 28.36 2.92
CA ARG C 27 -24.26 29.31 1.91
C ARG C 27 -23.00 28.80 1.18
N GLU C 28 -22.05 28.26 1.94
CA GLU C 28 -20.75 27.83 1.40
C GLU C 28 -20.89 26.69 0.40
N VAL C 29 -21.72 25.70 0.76
CA VAL C 29 -22.00 24.57 -0.11
C VAL C 29 -22.74 25.04 -1.38
N SER C 30 -23.64 26.02 -1.21
CA SER C 30 -24.28 26.64 -2.36
C SER C 30 -23.30 27.34 -3.30
N LEU C 31 -22.38 28.14 -2.74
CA LEU C 31 -21.37 28.85 -3.54
C LEU C 31 -20.49 27.88 -4.33
N ASN C 32 -20.06 26.82 -3.67
CA ASN C 32 -19.22 25.81 -4.30
C ASN C 32 -19.99 25.09 -5.38
N SER C 33 -21.20 24.69 -5.04
CA SER C 33 -22.07 23.98 -5.98
C SER C 33 -22.46 24.85 -7.18
N GLY C 34 -22.80 26.10 -6.93
CA GLY C 34 -23.14 27.04 -8.00
C GLY C 34 -22.03 27.31 -9.01
N ARG C 35 -20.80 27.41 -8.53
CA ARG C 35 -19.64 27.66 -9.40
C ARG C 35 -19.40 26.48 -10.33
N LEU C 36 -19.53 25.26 -9.81
CA LEU C 36 -19.45 24.04 -10.64
C LEU C 36 -20.59 23.96 -11.69
N VAL C 37 -21.82 24.29 -11.28
CA VAL C 37 -22.95 24.31 -12.22
C VAL C 37 -22.70 25.30 -13.36
N LEU C 38 -22.27 26.49 -12.98
CA LEU C 38 -21.96 27.54 -13.94
C LEU C 38 -20.92 27.08 -14.97
N GLN C 39 -19.87 26.42 -14.50
CA GLN C 39 -18.82 25.90 -15.39
C GLN C 39 -19.37 24.80 -16.27
N GLY C 40 -20.21 23.96 -15.69
CA GLY C 40 -20.91 22.92 -16.44
C GLY C 40 -21.71 23.51 -17.58
N LEU C 41 -22.50 24.54 -17.30
CA LEU C 41 -23.31 25.18 -18.33
C LEU C 41 -22.45 25.88 -19.40
N ARG C 42 -21.43 26.62 -18.98
CA ARG C 42 -20.54 27.33 -19.93
C ARG C 42 -19.78 26.36 -20.86
N ASP C 43 -19.38 25.19 -20.34
CA ASP C 43 -18.76 24.15 -21.18
C ASP C 43 -19.65 23.71 -22.34
N ALA C 44 -20.97 23.79 -22.16
CA ALA C 44 -21.93 23.42 -23.19
C ALA C 44 -22.32 24.59 -24.08
N GLY C 45 -21.68 25.74 -23.91
CA GLY C 45 -21.96 26.91 -24.76
C GLY C 45 -23.20 27.70 -24.35
N ILE C 46 -23.67 27.47 -23.12
CA ILE C 46 -24.87 28.15 -22.64
C ILE C 46 -24.50 29.49 -22.02
N ASP C 47 -25.35 30.48 -22.26
CA ASP C 47 -25.12 31.85 -21.83
C ASP C 47 -25.51 32.03 -20.34
N ALA C 48 -24.67 31.50 -19.46
CA ALA C 48 -24.99 31.40 -18.04
C ALA C 48 -24.17 32.39 -17.17
N HIS C 49 -24.82 32.93 -16.14
CA HIS C 49 -24.20 33.91 -15.24
C HIS C 49 -24.58 33.66 -13.80
N PRO C 50 -23.66 33.95 -12.86
CA PRO C 50 -23.99 33.79 -11.45
C PRO C 50 -24.96 34.88 -10.97
N PHE C 51 -25.80 34.55 -9.99
CA PHE C 51 -26.69 35.53 -9.39
C PHE C 51 -26.93 35.16 -7.92
N ASP C 52 -26.47 36.00 -7.00
CA ASP C 52 -26.58 35.75 -5.57
C ASP C 52 -27.69 36.61 -4.96
N PRO C 53 -28.83 35.97 -4.58
CA PRO C 53 -29.94 36.80 -4.13
C PRO C 53 -29.71 37.42 -2.76
N ALA C 54 -28.67 37.01 -2.03
CA ALA C 54 -28.30 37.69 -0.79
C ALA C 54 -27.61 39.03 -1.05
N GLN C 55 -26.96 39.17 -2.21
CA GLN C 55 -26.18 40.38 -2.53
C GLN C 55 -26.87 41.27 -3.58
N ARG C 56 -27.87 40.74 -4.28
CA ARG C 56 -28.50 41.47 -5.39
C ARG C 56 -30.02 41.34 -5.29
N PRO C 57 -30.75 42.41 -5.64
CA PRO C 57 -32.21 42.31 -5.60
C PRO C 57 -32.76 41.34 -6.64
N LEU C 58 -33.69 40.48 -6.21
CA LEU C 58 -34.25 39.45 -7.08
C LEU C 58 -34.92 40.01 -8.34
N ALA C 59 -35.51 41.20 -8.23
CA ALA C 59 -36.18 41.81 -9.37
C ALA C 59 -35.21 42.15 -10.53
N ALA C 60 -33.91 42.18 -10.23
CA ALA C 60 -32.89 42.42 -11.24
C ALA C 60 -32.81 41.29 -12.25
N LEU C 61 -33.33 40.10 -11.90
CA LEU C 61 -33.37 38.99 -12.85
C LEU C 61 -34.19 39.38 -14.05
N LYS C 62 -35.39 39.89 -13.81
CA LYS C 62 -36.28 40.32 -14.91
C LYS C 62 -35.70 41.56 -15.61
N ASP C 63 -35.16 42.51 -14.83
CA ASP C 63 -34.61 43.76 -15.43
C ASP C 63 -33.36 43.47 -16.29
N GLU C 64 -32.64 42.39 -15.99
CA GLU C 64 -31.45 42.03 -16.77
C GLU C 64 -31.72 41.05 -17.91
N GLY C 65 -32.97 40.73 -18.18
CA GLY C 65 -33.33 39.82 -19.28
C GLY C 65 -33.03 38.33 -19.07
N PHE C 66 -32.97 37.88 -17.82
CA PHE C 66 -32.81 36.44 -17.56
C PHE C 66 -34.12 35.73 -17.84
N VAL C 67 -34.08 34.63 -18.57
CA VAL C 67 -35.31 33.92 -18.90
C VAL C 67 -35.50 32.69 -18.00
N ARG C 68 -34.40 32.16 -17.48
CA ARG C 68 -34.48 30.98 -16.64
C ARG C 68 -33.35 30.96 -15.62
N ALA C 69 -33.50 30.10 -14.61
CA ALA C 69 -32.59 30.03 -13.51
C ALA C 69 -32.31 28.58 -13.13
N PHE C 70 -31.03 28.24 -12.95
CA PHE C 70 -30.65 26.96 -12.37
C PHE C 70 -30.52 27.20 -10.88
N ASN C 71 -31.38 26.58 -10.09
CA ASN C 71 -31.39 26.80 -8.64
C ASN C 71 -30.29 25.96 -8.00
N ALA C 72 -29.27 26.62 -7.49
CA ALA C 72 -28.19 25.94 -6.79
C ALA C 72 -28.15 26.40 -5.33
N LEU C 73 -29.27 26.95 -4.82
CA LEU C 73 -29.37 27.36 -3.42
C LEU C 73 -29.65 26.16 -2.51
N HIS C 74 -29.34 26.30 -1.23
CA HIS C 74 -29.66 25.26 -0.23
C HIS C 74 -30.15 25.86 1.05
N GLY C 75 -31.20 25.28 1.60
CA GLY C 75 -31.79 25.74 2.85
C GLY C 75 -32.56 27.03 2.68
N GLY C 76 -33.31 27.37 3.72
CA GLY C 76 -34.10 28.60 3.76
C GLY C 76 -34.99 28.75 2.55
N TYR C 77 -35.01 29.99 2.05
CA TYR C 77 -35.93 30.33 0.97
C TYR C 77 -35.66 29.57 -0.36
N GLY C 78 -34.48 28.94 -0.48
CA GLY C 78 -34.09 28.26 -1.70
C GLY C 78 -34.88 27.02 -2.08
N GLU C 79 -35.44 26.34 -1.09
CA GLU C 79 -36.03 25.04 -1.33
C GLU C 79 -37.45 24.84 -0.77
N ASN C 80 -38.03 25.88 -0.18
CA ASN C 80 -39.28 25.69 0.58
C ASN C 80 -40.50 26.32 -0.09
N GLY C 81 -40.33 26.77 -1.32
CA GLY C 81 -41.41 27.41 -2.06
C GLY C 81 -41.32 28.90 -2.13
N GLN C 82 -40.53 29.51 -1.26
CA GLN C 82 -40.49 30.96 -1.19
C GLN C 82 -39.87 31.59 -2.42
N ILE C 83 -38.67 31.14 -2.79
CA ILE C 83 -38.03 31.72 -3.97
C ILE C 83 -38.78 31.24 -5.20
N GLN C 84 -39.33 30.04 -5.15
CA GLN C 84 -40.08 29.51 -6.28
C GLN C 84 -41.30 30.43 -6.57
N GLY C 85 -42.03 30.79 -5.52
CA GLY C 85 -43.16 31.72 -5.66
C GLY C 85 -42.75 33.06 -6.21
N ALA C 86 -41.63 33.58 -5.69
CA ALA C 86 -41.13 34.88 -6.12
C ALA C 86 -40.71 34.86 -7.58
N LEU C 87 -40.05 33.78 -7.99
CA LEU C 87 -39.60 33.63 -9.38
C LEU C 87 -40.79 33.47 -10.31
N ASP C 88 -41.82 32.72 -9.90
CA ASP C 88 -43.07 32.65 -10.67
C ASP C 88 -43.63 34.05 -10.85
N PHE C 89 -43.65 34.82 -9.76
CA PHE C 89 -44.17 36.20 -9.79
C PHE C 89 -43.47 37.05 -10.83
N TYR C 90 -42.14 36.91 -10.93
CA TYR C 90 -41.36 37.64 -11.93
C TYR C 90 -41.26 36.95 -13.30
N GLY C 91 -42.03 35.88 -13.54
CA GLY C 91 -42.03 35.22 -14.86
C GLY C 91 -40.78 34.43 -15.23
N ILE C 92 -39.98 34.05 -14.25
CA ILE C 92 -38.70 33.40 -14.48
C ILE C 92 -38.86 31.88 -14.27
N ARG C 93 -38.50 31.08 -15.28
CA ARG C 93 -38.53 29.64 -15.13
C ARG C 93 -37.32 29.14 -14.34
N TYR C 94 -37.47 28.01 -13.64
CA TYR C 94 -36.38 27.53 -12.76
C TYR C 94 -36.40 26.02 -12.67
N THR C 95 -35.24 25.47 -12.39
CA THR C 95 -35.08 24.05 -12.22
C THR C 95 -35.68 23.63 -10.90
N GLY C 96 -35.85 22.32 -10.71
CA GLY C 96 -36.47 21.77 -9.53
C GLY C 96 -37.97 21.91 -9.65
N SER C 97 -38.65 21.83 -8.52
CA SER C 97 -40.12 21.82 -8.51
C SER C 97 -40.72 23.21 -8.22
N GLY C 98 -41.99 23.36 -8.57
CA GLY C 98 -42.77 24.56 -8.27
C GLY C 98 -43.11 24.72 -6.81
N VAL C 99 -44.02 25.67 -6.53
CA VAL C 99 -44.35 26.02 -5.17
C VAL C 99 -44.90 24.81 -4.39
N LEU C 100 -45.86 24.09 -4.95
CA LEU C 100 -46.53 22.99 -4.19
C LEU C 100 -45.60 21.82 -3.95
N GLY C 101 -44.95 21.34 -5.01
CA GLY C 101 -43.96 20.28 -4.87
C GLY C 101 -42.77 20.61 -3.97
N SER C 102 -42.27 21.83 -4.01
CA SER C 102 -41.21 22.24 -3.12
C SER C 102 -41.71 22.29 -1.68
N ALA C 103 -42.85 22.93 -1.45
CA ALA C 103 -43.33 23.08 -0.07
C ALA C 103 -43.72 21.70 0.49
N LEU C 104 -44.44 20.92 -0.30
CA LEU C 104 -44.88 19.56 0.10
C LEU C 104 -43.70 18.62 0.35
N GLY C 105 -42.71 18.68 -0.54
CA GLY C 105 -41.49 17.91 -0.40
C GLY C 105 -40.70 18.17 0.87
N LEU C 106 -40.66 19.42 1.34
CA LEU C 106 -40.02 19.72 2.63
C LEU C 106 -40.87 19.23 3.82
N ASP C 107 -42.18 19.09 3.63
CA ASP C 107 -43.05 18.69 4.73
C ASP C 107 -43.14 17.17 4.80
N LYS C 108 -42.27 16.59 5.62
CA LYS C 108 -42.16 15.13 5.71
C LYS C 108 -43.47 14.42 6.07
N PHE C 109 -44.24 15.02 6.96
CA PHE C 109 -45.52 14.48 7.42
C PHE C 109 -46.55 14.41 6.30
N ARG C 110 -46.74 15.53 5.59
CA ARG C 110 -47.77 15.57 4.56
C ARG C 110 -47.35 14.75 3.32
N THR C 111 -46.05 14.67 3.05
CA THR C 111 -45.54 13.81 2.01
C THR C 111 -45.96 12.34 2.27
N LYS C 112 -45.79 11.89 3.51
CA LYS C 112 -46.12 10.53 3.88
C LYS C 112 -47.61 10.25 3.78
N LEU C 113 -48.43 11.24 4.09
CA LEU C 113 -49.87 11.08 3.95
C LEU C 113 -50.25 10.85 2.51
N VAL C 114 -49.66 11.63 1.60
CA VAL C 114 -49.98 11.45 0.19
C VAL C 114 -49.48 10.07 -0.30
N TRP C 115 -48.25 9.71 0.09
CA TRP C 115 -47.67 8.42 -0.26
C TRP C 115 -48.51 7.26 0.17
N GLN C 116 -48.95 7.27 1.41
CA GLN C 116 -49.85 6.19 1.86
C GLN C 116 -51.13 5.97 1.02
N GLN C 117 -51.68 7.02 0.43
CA GLN C 117 -52.92 6.92 -0.34
C GLN C 117 -52.72 6.58 -1.81
N THR C 118 -51.46 6.54 -2.27
CA THR C 118 -51.16 6.34 -3.66
C THR C 118 -50.18 5.21 -3.92
N GLY C 119 -50.03 4.34 -2.94
CA GLY C 119 -49.32 3.09 -3.11
C GLY C 119 -47.80 3.17 -2.99
N ILE C 120 -47.27 4.24 -2.40
CA ILE C 120 -45.87 4.30 -2.05
C ILE C 120 -45.73 3.78 -0.62
N PRO C 121 -45.02 2.65 -0.43
CA PRO C 121 -44.81 2.14 0.92
C PRO C 121 -43.94 3.08 1.80
N THR C 122 -44.38 3.28 3.04
CA THR C 122 -43.76 4.18 4.00
C THR C 122 -43.80 3.47 5.33
N PRO C 123 -42.93 3.83 6.26
CA PRO C 123 -43.09 3.18 7.60
C PRO C 123 -44.52 3.29 8.09
N PRO C 124 -45.11 2.17 8.52
CA PRO C 124 -46.53 2.25 8.88
C PRO C 124 -46.73 3.20 10.04
N PHE C 125 -47.84 3.88 10.06
CA PHE C 125 -47.99 4.94 11.03
C PHE C 125 -49.44 5.18 11.27
N GLU C 126 -49.74 5.93 12.33
CA GLU C 126 -51.08 6.37 12.65
C GLU C 126 -50.99 7.87 13.00
N THR C 127 -52.11 8.55 12.96
CA THR C 127 -52.17 9.95 13.30
C THR C 127 -53.11 10.14 14.51
N VAL C 128 -52.71 11.04 15.41
CA VAL C 128 -53.44 11.30 16.61
C VAL C 128 -53.66 12.79 16.69
N MET C 129 -54.88 13.18 17.03
CA MET C 129 -55.25 14.59 17.06
C MET C 129 -55.76 15.01 18.44
N ARG C 130 -55.65 16.31 18.69
CA ARG C 130 -56.21 16.94 19.87
C ARG C 130 -57.64 16.46 20.07
N GLY C 131 -57.96 15.98 21.27
CA GLY C 131 -59.32 15.55 21.56
C GLY C 131 -59.58 14.05 21.49
N ASP C 132 -58.64 13.30 20.92
CA ASP C 132 -58.74 11.81 20.93
C ASP C 132 -58.55 11.20 22.33
N ASP C 133 -59.04 9.97 22.51
CA ASP C 133 -58.78 9.18 23.71
C ASP C 133 -57.36 8.62 23.63
N TYR C 134 -56.40 9.36 24.18
CA TYR C 134 -54.97 9.08 23.98
C TYR C 134 -54.57 7.70 24.49
N ALA C 135 -55.12 7.30 25.64
CA ALA C 135 -54.84 5.97 26.19
C ALA C 135 -55.32 4.83 25.27
N ALA C 136 -56.54 4.98 24.73
CA ALA C 136 -57.11 4.00 23.79
C ALA C 136 -56.30 3.93 22.50
N ARG C 137 -55.98 5.09 21.93
CA ARG C 137 -55.22 5.13 20.68
C ARG C 137 -53.82 4.51 20.88
N ALA C 138 -53.15 4.83 21.99
CA ALA C 138 -51.83 4.22 22.26
C ALA C 138 -51.87 2.68 22.21
N GLN C 139 -52.87 2.09 22.88
CA GLN C 139 -52.97 0.62 22.95
C GLN C 139 -53.22 0.00 21.56
N ASP C 140 -54.10 0.61 20.77
CA ASP C 140 -54.37 0.16 19.41
C ASP C 140 -53.17 0.33 18.48
N ILE C 141 -52.46 1.45 18.59
CA ILE C 141 -51.26 1.70 17.81
C ILE C 141 -50.17 0.68 18.11
N VAL C 142 -49.90 0.41 19.40
CA VAL C 142 -48.90 -0.59 19.78
C VAL C 142 -49.25 -1.99 19.23
N ALA C 143 -50.51 -2.37 19.32
CA ALA C 143 -51.00 -3.65 18.77
C ALA C 143 -50.77 -3.78 17.26
N LYS C 144 -51.02 -2.71 16.51
CA LYS C 144 -50.87 -2.76 15.04
C LYS C 144 -49.40 -2.58 14.63
N LEU C 145 -48.67 -1.63 15.24
CA LEU C 145 -47.35 -1.23 14.75
C LEU C 145 -46.16 -1.80 15.50
N GLY C 146 -46.33 -2.24 16.76
CA GLY C 146 -45.20 -2.63 17.58
C GLY C 146 -44.40 -1.43 18.08
N VAL C 147 -43.20 -1.70 18.61
CA VAL C 147 -42.25 -0.71 19.05
C VAL C 147 -40.94 -1.04 18.32
N PRO C 148 -39.97 -0.11 18.33
CA PRO C 148 -40.00 1.28 18.76
C PRO C 148 -40.79 2.15 17.80
N LEU C 149 -41.18 3.33 18.26
CA LEU C 149 -41.99 4.28 17.50
C LEU C 149 -41.37 5.67 17.57
N PHE C 150 -41.59 6.49 16.55
CA PHE C 150 -41.29 7.89 16.58
C PHE C 150 -42.61 8.63 16.79
N VAL C 151 -42.62 9.65 17.65
CA VAL C 151 -43.72 10.60 17.72
C VAL C 151 -43.22 11.98 17.26
N LYS C 152 -43.91 12.54 16.28
CA LYS C 152 -43.45 13.73 15.58
C LYS C 152 -44.65 14.65 15.33
N PRO C 153 -44.61 15.88 15.87
CA PRO C 153 -45.69 16.82 15.55
C PRO C 153 -45.69 17.20 14.08
N ALA C 154 -46.83 17.66 13.59
CA ALA C 154 -46.88 18.30 12.27
C ALA C 154 -46.36 19.72 12.38
N ALA C 161 -35.84 17.89 16.94
CA ALA C 161 -35.90 16.65 17.71
C ALA C 161 -37.31 16.01 17.77
N VAL C 162 -37.38 14.76 17.32
CA VAL C 162 -38.55 13.90 17.49
C VAL C 162 -38.34 13.09 18.79
N GLU C 163 -39.43 12.55 19.34
CA GLU C 163 -39.39 11.63 20.48
C GLU C 163 -39.41 10.18 20.00
N LYS C 164 -38.43 9.40 20.41
CA LYS C 164 -38.41 7.97 20.07
C LYS C 164 -38.88 7.22 21.31
N VAL C 165 -39.85 6.32 21.14
CA VAL C 165 -40.41 5.57 22.24
C VAL C 165 -40.10 4.07 22.05
N LYS C 166 -39.46 3.44 23.03
CA LYS C 166 -39.12 2.01 23.00
C LYS C 166 -40.01 1.16 23.92
N SER C 167 -40.72 1.80 24.84
CA SER C 167 -41.53 1.08 25.84
C SER C 167 -42.97 1.36 25.46
N ALA C 168 -43.73 0.31 25.17
CA ALA C 168 -45.14 0.43 24.84
C ALA C 168 -45.86 1.32 25.86
N ASP C 169 -45.48 1.12 27.12
CA ASP C 169 -46.09 1.78 28.25
C ASP C 169 -45.84 3.31 28.29
N ALA C 170 -44.73 3.75 27.70
CA ALA C 170 -44.40 5.16 27.65
C ALA C 170 -45.09 5.92 26.49
N LEU C 171 -45.84 5.24 25.61
CA LEU C 171 -46.43 5.88 24.42
C LEU C 171 -47.60 6.86 24.73
N PRO C 172 -48.55 6.46 25.62
CA PRO C 172 -49.60 7.41 26.01
C PRO C 172 -49.04 8.78 26.44
N ALA C 173 -48.02 8.77 27.30
CA ALA C 173 -47.37 9.99 27.76
C ALA C 173 -46.70 10.77 26.59
N ALA C 174 -46.17 10.07 25.59
CA ALA C 174 -45.57 10.76 24.42
C ALA C 174 -46.63 11.39 23.52
N LEU C 175 -47.81 10.80 23.50
CA LEU C 175 -48.93 11.32 22.68
C LEU C 175 -49.62 12.50 23.31
N GLU C 176 -49.95 12.38 24.59
CA GLU C 176 -50.90 13.31 25.22
C GLU C 176 -50.63 14.85 25.12
N GLU C 177 -49.43 15.29 25.43
CA GLU C 177 -49.12 16.72 25.45
C GLU C 177 -48.88 17.24 24.04
N ALA C 178 -48.24 16.41 23.23
CA ALA C 178 -47.88 16.83 21.88
C ALA C 178 -49.15 17.01 21.04
N ALA C 179 -50.04 16.04 21.11
CA ALA C 179 -51.31 16.11 20.41
C ALA C 179 -52.20 17.27 20.85
N LYS C 180 -52.19 17.56 22.15
CA LYS C 180 -52.97 18.64 22.72
C LYS C 180 -52.48 20.04 22.28
N HIS C 181 -51.17 20.26 22.31
CA HIS C 181 -50.58 21.58 22.06
C HIS C 181 -50.22 21.77 20.61
N ASP C 182 -49.83 20.69 19.92
CA ASP C 182 -49.39 20.71 18.52
C ASP C 182 -50.52 20.31 17.54
N LYS C 183 -51.63 19.82 18.07
CA LYS C 183 -52.86 19.64 17.34
C LYS C 183 -52.96 18.33 16.56
N ILE C 184 -51.86 18.00 15.88
CA ILE C 184 -51.75 16.76 15.14
C ILE C 184 -50.35 16.15 15.27
N VAL C 185 -50.33 14.86 15.57
CA VAL C 185 -49.09 14.11 15.72
C VAL C 185 -49.13 12.88 14.83
N ILE C 186 -47.98 12.54 14.27
CA ILE C 186 -47.78 11.27 13.60
C ILE C 186 -47.03 10.30 14.50
N VAL C 187 -47.47 9.03 14.53
CA VAL C 187 -46.82 7.99 15.31
C VAL C 187 -46.33 6.92 14.36
N GLU C 188 -45.03 6.76 14.27
CA GLU C 188 -44.43 6.06 13.15
C GLU C 188 -43.48 4.94 13.60
N LYS C 189 -43.64 3.74 13.05
CA LYS C 189 -42.77 2.60 13.32
C LYS C 189 -41.33 2.91 12.87
N SER C 190 -40.35 2.70 13.74
CA SER C 190 -38.96 2.93 13.39
C SER C 190 -38.45 1.69 12.68
N ILE C 191 -37.92 1.86 11.49
CA ILE C 191 -37.42 0.75 10.68
C ILE C 191 -35.91 0.89 10.72
N GLU C 192 -35.21 -0.17 11.08
CA GLU C 192 -33.82 -0.04 11.57
C GLU C 192 -32.91 -1.24 11.27
N GLY C 193 -31.75 -0.95 10.69
CA GLY C 193 -30.68 -1.94 10.59
C GLY C 193 -30.69 -2.80 9.35
N GLY C 194 -31.64 -2.58 8.46
CA GLY C 194 -31.66 -3.31 7.18
C GLY C 194 -31.07 -2.54 5.98
N GLY C 195 -30.64 -1.28 6.14
CA GLY C 195 -29.97 -0.54 5.08
C GLY C 195 -30.73 0.72 4.64
N GLU C 196 -29.97 1.79 4.39
CA GLU C 196 -30.55 3.06 3.93
C GLU C 196 -30.05 3.35 2.51
N TYR C 197 -30.95 3.86 1.65
CA TYR C 197 -30.62 3.99 0.20
C TYR C 197 -31.19 5.28 -0.32
N THR C 198 -30.68 5.72 -1.46
CA THR C 198 -31.28 6.85 -2.11
C THR C 198 -31.33 6.63 -3.62
N ALA C 199 -32.42 7.10 -4.22
CA ALA C 199 -32.63 7.05 -5.64
C ALA C 199 -32.64 8.46 -6.23
N CYS C 200 -31.61 8.77 -7.01
CA CYS C 200 -31.52 10.07 -7.72
C CYS C 200 -32.36 10.08 -8.98
N ILE C 201 -33.02 11.19 -9.24
CA ILE C 201 -33.87 11.38 -10.40
C ILE C 201 -33.41 12.64 -11.14
N ALA C 202 -33.24 12.55 -12.45
CA ALA C 202 -32.75 13.67 -13.26
C ALA C 202 -33.26 13.52 -14.70
N ALA C 203 -34.39 14.17 -14.98
CA ALA C 203 -34.96 14.22 -16.30
C ALA C 203 -35.07 12.82 -16.90
N ASP C 204 -34.58 12.63 -18.13
CA ASP C 204 -34.68 11.35 -18.83
C ASP C 204 -33.58 10.35 -18.49
N LEU C 205 -32.71 10.63 -17.51
CA LEU C 205 -31.62 9.73 -17.12
C LEU C 205 -32.00 8.57 -16.20
N ASP C 206 -31.44 7.40 -16.48
CA ASP C 206 -31.66 6.21 -15.66
C ASP C 206 -30.45 6.07 -14.71
N LEU C 207 -30.57 6.66 -13.52
CA LEU C 207 -29.47 6.66 -12.53
C LEU C 207 -29.56 5.51 -11.52
N PRO C 208 -28.40 4.94 -11.13
CA PRO C 208 -28.45 3.80 -10.21
C PRO C 208 -28.72 4.22 -8.76
N LEU C 209 -29.29 3.32 -7.96
CA LEU C 209 -29.42 3.49 -6.53
C LEU C 209 -28.06 3.66 -5.86
N ILE C 210 -28.04 4.38 -4.75
CA ILE C 210 -26.85 4.56 -3.93
C ILE C 210 -27.16 4.05 -2.52
N ARG C 211 -26.31 3.22 -1.95
CA ARG C 211 -26.44 2.86 -0.55
C ARG C 211 -25.73 3.91 0.33
N ILE C 212 -26.44 4.41 1.35
CA ILE C 212 -25.93 5.37 2.31
C ILE C 212 -25.53 4.65 3.61
N VAL C 213 -24.24 4.74 3.96
CA VAL C 213 -23.75 4.07 5.19
C VAL C 213 -23.19 5.16 6.11
N PRO C 214 -24.01 5.61 7.08
CA PRO C 214 -23.51 6.56 8.04
C PRO C 214 -22.50 5.92 9.01
N ALA C 215 -21.74 6.81 9.64
CA ALA C 215 -20.53 6.40 10.37
C ALA C 215 -20.85 5.35 11.42
N GLY C 216 -21.91 5.54 12.18
CA GLY C 216 -22.22 4.60 13.26
C GLY C 216 -22.56 3.18 12.83
N GLU C 217 -22.95 3.01 11.57
CA GLU C 217 -23.26 1.68 11.02
C GLU C 217 -22.04 0.80 10.79
N PHE C 218 -20.86 1.39 10.68
CA PHE C 218 -19.68 0.55 10.40
C PHE C 218 -19.27 -0.32 11.59
N TYR C 219 -18.58 -1.42 11.31
CA TYR C 219 -18.10 -2.34 12.36
C TYR C 219 -16.81 -1.86 13.08
N ASP C 220 -15.78 -1.52 12.31
CA ASP C 220 -14.48 -1.28 12.87
C ASP C 220 -14.41 0.17 13.31
N TYR C 221 -13.68 0.41 14.38
CA TYR C 221 -13.59 1.74 15.00
C TYR C 221 -13.01 2.88 14.08
N HIS C 222 -12.23 2.58 13.04
CA HIS C 222 -11.68 3.67 12.18
C HIS C 222 -12.77 4.40 11.44
N ALA C 223 -13.60 3.68 10.71
CA ALA C 223 -14.73 4.32 10.00
C ALA C 223 -15.89 4.70 10.95
N LYS C 224 -16.09 3.92 12.00
CA LYS C 224 -17.23 4.15 12.90
C LYS C 224 -17.05 5.35 13.84
N TYR C 225 -15.86 5.50 14.40
CA TYR C 225 -15.56 6.52 15.41
C TYR C 225 -14.48 7.54 15.00
N ILE C 226 -13.52 7.19 14.15
CA ILE C 226 -12.40 8.13 13.88
C ILE C 226 -12.87 9.06 12.71
N ALA C 227 -13.19 8.49 11.55
CA ALA C 227 -13.47 9.33 10.37
C ALA C 227 -14.72 10.22 10.46
N ASN C 228 -15.77 9.76 11.14
CA ASN C 228 -17.02 10.54 11.27
C ASN C 228 -17.65 11.06 9.95
N ASP C 229 -17.54 10.28 8.87
CA ASP C 229 -18.15 10.63 7.56
C ASP C 229 -19.07 9.51 7.02
N THR C 230 -20.09 9.91 6.28
CA THR C 230 -21.05 8.97 5.68
C THR C 230 -20.48 8.46 4.37
N GLN C 231 -20.57 7.16 4.11
CA GLN C 231 -20.13 6.60 2.80
C GLN C 231 -21.32 6.33 1.87
N TYR C 232 -21.05 6.51 0.58
CA TYR C 232 -22.04 6.39 -0.45
C TYR C 232 -21.52 5.36 -1.42
N LEU C 233 -22.24 4.26 -1.51
CA LEU C 233 -21.79 3.11 -2.29
C LEU C 233 -22.58 2.86 -3.57
N ILE C 234 -21.86 2.82 -4.67
CA ILE C 234 -22.36 2.33 -5.96
C ILE C 234 -21.38 1.28 -6.44
N PRO C 235 -21.87 0.09 -6.82
CA PRO C 235 -23.25 -0.42 -6.77
C PRO C 235 -23.79 -0.49 -5.34
N CYS C 236 -25.11 -0.42 -5.20
CA CYS C 236 -25.71 -0.32 -3.90
C CYS C 236 -25.72 -1.68 -3.18
N GLY C 237 -25.49 -2.76 -3.94
CA GLY C 237 -25.41 -4.12 -3.37
C GLY C 237 -26.70 -4.93 -3.42
N LEU C 238 -27.78 -4.36 -3.94
CA LEU C 238 -29.05 -5.05 -4.05
C LEU C 238 -29.13 -5.76 -5.40
N ASP C 239 -29.92 -6.84 -5.44
CA ASP C 239 -30.12 -7.58 -6.68
C ASP C 239 -30.97 -6.77 -7.68
N ALA C 240 -30.93 -7.19 -8.93
CA ALA C 240 -31.51 -6.42 -10.02
C ALA C 240 -33.03 -6.21 -9.87
N ALA C 241 -33.73 -7.19 -9.33
CA ALA C 241 -35.19 -7.10 -9.17
C ALA C 241 -35.58 -6.05 -8.13
N LYS C 242 -34.81 -5.98 -7.04
CA LYS C 242 -35.07 -4.98 -6.02
C LYS C 242 -34.67 -3.57 -6.53
N GLU C 243 -33.53 -3.48 -7.20
CA GLU C 243 -33.08 -2.20 -7.74
C GLU C 243 -34.15 -1.62 -8.67
N ALA C 244 -34.63 -2.42 -9.60
CA ALA C 244 -35.72 -2.03 -10.53
C ALA C 244 -37.01 -1.65 -9.80
N GLU C 245 -37.43 -2.49 -8.86
CA GLU C 245 -38.65 -2.20 -8.13
C GLU C 245 -38.51 -0.89 -7.33
N PHE C 246 -37.35 -0.66 -6.73
CA PHE C 246 -37.22 0.51 -5.84
C PHE C 246 -37.06 1.79 -6.65
N LYS C 247 -36.45 1.70 -7.84
CA LYS C 247 -36.39 2.85 -8.77
C LYS C 247 -37.76 3.27 -9.29
N ARG C 248 -38.63 2.29 -9.55
CA ARG C 248 -39.97 2.53 -10.01
C ARG C 248 -40.79 3.23 -8.94
N ILE C 249 -40.73 2.72 -7.70
CA ILE C 249 -41.43 3.39 -6.60
C ILE C 249 -40.90 4.81 -6.38
N ALA C 250 -39.59 5.02 -6.47
CA ALA C 250 -39.01 6.35 -6.33
C ALA C 250 -39.59 7.34 -7.29
N ARG C 251 -39.73 6.94 -8.56
CA ARG C 251 -40.24 7.84 -9.57
C ARG C 251 -41.72 8.12 -9.34
N ARG C 252 -42.45 7.11 -8.90
CA ARG C 252 -43.86 7.31 -8.60
C ARG C 252 -43.99 8.27 -7.40
N ALA C 253 -43.06 8.17 -6.47
CA ALA C 253 -43.10 8.97 -5.25
C ALA C 253 -42.96 10.47 -5.57
N PHE C 254 -42.15 10.82 -6.57
CA PHE C 254 -42.06 12.21 -7.03
C PHE C 254 -43.31 12.70 -7.75
N ASP C 255 -43.77 11.90 -8.71
CA ASP C 255 -44.97 12.17 -9.50
C ASP C 255 -46.20 12.47 -8.63
N VAL C 256 -46.47 11.67 -7.61
CA VAL C 256 -47.69 11.92 -6.85
C VAL C 256 -47.63 13.19 -6.00
N LEU C 257 -46.41 13.64 -5.67
CA LEU C 257 -46.23 14.87 -4.92
C LEU C 257 -46.29 16.13 -5.79
N GLY C 258 -46.40 15.96 -7.11
CA GLY C 258 -46.31 17.11 -8.01
C GLY C 258 -44.90 17.65 -8.13
N CYS C 259 -43.90 16.82 -7.89
CA CYS C 259 -42.49 17.25 -8.04
C CYS C 259 -42.02 17.09 -9.48
N THR C 260 -41.13 17.98 -9.92
CA THR C 260 -40.43 17.82 -11.18
C THR C 260 -39.37 16.74 -11.02
N ASP C 261 -38.95 16.12 -12.12
CA ASP C 261 -37.97 15.04 -12.05
C ASP C 261 -36.54 15.49 -11.84
N TRP C 262 -36.28 16.04 -10.65
CA TRP C 262 -34.95 16.48 -10.26
C TRP C 262 -34.88 16.36 -8.78
N GLY C 263 -34.06 15.44 -8.28
CA GLY C 263 -34.00 15.25 -6.84
C GLY C 263 -33.59 13.86 -6.43
N ARG C 264 -33.77 13.58 -5.15
CA ARG C 264 -33.46 12.28 -4.54
C ARG C 264 -34.66 11.80 -3.73
N ALA C 265 -34.92 10.49 -3.75
CA ALA C 265 -35.88 9.90 -2.82
C ALA C 265 -35.13 8.94 -1.90
N ASP C 266 -35.26 9.16 -0.59
CA ASP C 266 -34.56 8.36 0.41
C ASP C 266 -35.45 7.27 0.92
N PHE C 267 -34.89 6.07 1.12
CA PHE C 267 -35.69 5.00 1.68
C PHE C 267 -34.82 4.05 2.49
N MET C 268 -35.50 3.19 3.23
CA MET C 268 -34.85 2.20 4.08
C MET C 268 -35.47 0.81 3.84
N LEU C 269 -34.71 -0.24 4.15
CA LEU C 269 -35.23 -1.61 4.05
C LEU C 269 -35.35 -2.15 5.45
N ASP C 270 -36.33 -3.03 5.67
CA ASP C 270 -36.33 -3.87 6.87
C ASP C 270 -35.48 -5.09 6.61
N ALA C 271 -35.37 -5.96 7.61
CA ALA C 271 -34.61 -7.20 7.51
C ALA C 271 -35.09 -8.12 6.37
N ALA C 272 -36.39 -8.15 6.11
CA ALA C 272 -36.91 -9.01 5.02
C ALA C 272 -36.72 -8.38 3.63
N GLY C 273 -36.15 -7.17 3.56
CA GLY C 273 -35.91 -6.54 2.27
C GLY C 273 -37.07 -5.71 1.73
N ASN C 274 -38.12 -5.47 2.51
CA ASN C 274 -39.21 -4.56 2.08
C ASN C 274 -38.79 -3.10 2.18
N PRO C 275 -39.20 -2.27 1.19
CA PRO C 275 -38.81 -0.86 1.17
C PRO C 275 -39.82 0.04 1.88
N TYR C 276 -39.31 1.09 2.51
CA TYR C 276 -40.14 2.09 3.18
C TYR C 276 -39.52 3.46 2.83
N PHE C 277 -40.27 4.28 2.11
CA PHE C 277 -39.80 5.57 1.67
C PHE C 277 -39.99 6.60 2.77
N LEU C 278 -38.98 7.46 2.93
CA LEU C 278 -38.89 8.38 4.07
C LEU C 278 -39.08 9.86 3.68
N GLU C 279 -38.44 10.28 2.58
CA GLU C 279 -38.54 11.68 2.15
C GLU C 279 -37.98 11.90 0.75
N VAL C 280 -38.32 13.03 0.17
CA VAL C 280 -37.70 13.52 -1.05
C VAL C 280 -36.85 14.77 -0.73
N ASN C 281 -35.85 15.00 -1.57
CA ASN C 281 -35.03 16.18 -1.51
C ASN C 281 -35.14 16.75 -2.94
N THR C 282 -35.71 17.92 -3.09
CA THR C 282 -35.91 18.52 -4.40
C THR C 282 -34.83 19.53 -4.73
N ALA C 283 -33.80 19.63 -3.90
CA ALA C 283 -32.68 20.56 -4.15
C ALA C 283 -31.39 19.84 -3.80
N PRO C 284 -31.01 18.84 -4.59
CA PRO C 284 -29.84 18.05 -4.21
C PRO C 284 -28.50 18.78 -4.40
N GLY C 285 -27.46 18.27 -3.73
CA GLY C 285 -26.10 18.78 -3.87
C GLY C 285 -25.58 18.67 -5.29
N MET C 286 -24.74 19.63 -5.69
CA MET C 286 -24.07 19.61 -6.98
C MET C 286 -22.55 19.89 -6.90
N THR C 287 -21.96 19.65 -5.75
CA THR C 287 -20.49 19.64 -5.62
C THR C 287 -19.95 18.35 -6.26
N ASP C 288 -18.62 18.27 -6.39
CA ASP C 288 -17.98 17.11 -7.01
C ASP C 288 -18.25 15.81 -6.24
N HIS C 289 -18.42 15.91 -4.93
CA HIS C 289 -18.73 14.75 -4.10
C HIS C 289 -20.21 14.57 -3.78
N SER C 290 -21.11 15.35 -4.40
CA SER C 290 -22.55 15.19 -4.15
C SER C 290 -23.14 13.95 -4.88
N LEU C 291 -24.33 13.53 -4.48
CA LEU C 291 -24.88 12.25 -4.94
C LEU C 291 -25.30 12.20 -6.43
N PRO C 292 -25.93 13.26 -6.96
CA PRO C 292 -26.33 13.14 -8.34
C PRO C 292 -25.15 13.06 -9.34
N PRO C 293 -24.09 13.86 -9.14
CA PRO C 293 -22.93 13.69 -10.03
C PRO C 293 -22.26 12.31 -9.89
N LYS C 294 -22.21 11.79 -8.67
CA LYS C 294 -21.65 10.47 -8.43
C LYS C 294 -22.50 9.38 -9.15
N ALA C 295 -23.82 9.45 -9.02
CA ALA C 295 -24.69 8.45 -9.66
C ALA C 295 -24.58 8.54 -11.18
N ALA C 296 -24.49 9.77 -11.71
CA ALA C 296 -24.37 9.96 -13.11
C ALA C 296 -23.05 9.42 -13.63
N ARG C 297 -21.95 9.73 -12.96
CA ARG C 297 -20.63 9.21 -13.43
C ARG C 297 -20.60 7.70 -13.42
N ALA C 298 -21.24 7.09 -12.42
CA ALA C 298 -21.24 5.62 -12.33
C ALA C 298 -21.81 4.95 -13.61
N VAL C 299 -22.71 5.62 -14.31
CA VAL C 299 -23.28 5.04 -15.51
C VAL C 299 -22.83 5.80 -16.75
N GLY C 300 -21.69 6.46 -16.67
CA GLY C 300 -21.05 7.05 -17.84
C GLY C 300 -21.61 8.39 -18.30
N ILE C 301 -22.31 9.09 -17.42
CA ILE C 301 -22.83 10.44 -17.73
C ILE C 301 -22.00 11.53 -17.00
N GLY C 302 -21.39 12.44 -17.74
CA GLY C 302 -20.56 13.52 -17.17
C GLY C 302 -21.34 14.71 -16.59
N TYR C 303 -20.64 15.50 -15.76
CA TYR C 303 -21.22 16.61 -15.02
C TYR C 303 -21.96 17.59 -15.92
N SER C 304 -21.33 17.95 -17.04
CA SER C 304 -21.91 18.95 -17.93
C SER C 304 -23.20 18.42 -18.56
N GLU C 305 -23.18 17.16 -19.00
CA GLU C 305 -24.40 16.55 -19.54
C GLU C 305 -25.52 16.51 -18.48
N LEU C 306 -25.17 16.22 -17.23
CA LEU C 306 -26.16 16.18 -16.14
C LEU C 306 -26.85 17.55 -15.97
N VAL C 307 -26.06 18.61 -15.84
CA VAL C 307 -26.59 19.94 -15.66
C VAL C 307 -27.48 20.36 -16.80
N VAL C 308 -27.06 20.07 -18.02
CA VAL C 308 -27.88 20.44 -19.18
C VAL C 308 -29.22 19.70 -19.14
N LYS C 309 -29.17 18.41 -18.82
CA LYS C 309 -30.34 17.58 -18.65
C LYS C 309 -31.32 18.18 -17.64
N VAL C 310 -30.79 18.60 -16.50
CA VAL C 310 -31.61 19.24 -15.49
C VAL C 310 -32.23 20.57 -15.98
N LEU C 311 -31.44 21.38 -16.66
CA LEU C 311 -31.94 22.64 -17.18
C LEU C 311 -32.98 22.45 -18.29
N SER C 312 -32.85 21.37 -19.06
CA SER C 312 -33.77 21.08 -20.16
C SER C 312 -35.24 20.92 -19.72
N LEU C 313 -35.46 20.53 -18.46
CA LEU C 313 -36.83 20.46 -17.92
C LEU C 313 -37.56 21.80 -17.88
N THR C 314 -36.83 22.90 -18.01
CA THR C 314 -37.44 24.22 -18.09
C THR C 314 -37.77 24.66 -19.53
N LEU C 315 -37.43 23.84 -20.54
CA LEU C 315 -37.72 24.17 -21.94
C LEU C 315 -39.16 23.86 -22.34
N ILE D 8 21.99 28.63 -5.74
CA ILE D 8 20.77 29.50 -5.75
C ILE D 8 21.10 31.00 -5.84
N ASP D 9 20.26 31.76 -6.56
CA ASP D 9 20.43 33.22 -6.65
C ASP D 9 20.12 33.83 -5.28
N PRO D 10 21.09 34.55 -4.70
CA PRO D 10 20.93 35.08 -3.34
C PRO D 10 19.71 36.02 -3.14
N LYS D 11 19.19 36.62 -4.21
CA LYS D 11 17.98 37.48 -4.14
C LYS D 11 16.73 36.72 -3.73
N ARG D 12 16.71 35.40 -3.96
CA ARG D 12 15.55 34.56 -3.59
C ARG D 12 15.32 34.47 -2.10
N PHE D 13 16.36 34.73 -1.31
CA PHE D 13 16.19 34.71 0.16
C PHE D 13 15.53 35.98 0.69
N GLY D 14 15.52 37.05 -0.11
CA GLY D 14 14.94 38.30 0.33
C GLY D 14 15.73 38.85 1.53
N LYS D 15 15.02 39.56 2.39
CA LYS D 15 15.63 40.24 3.53
C LYS D 15 15.66 39.28 4.70
N VAL D 16 16.87 39.01 5.20
CA VAL D 16 17.12 38.00 6.21
C VAL D 16 17.62 38.61 7.54
N ALA D 17 17.00 38.23 8.65
CA ALA D 17 17.43 38.61 9.99
C ALA D 17 18.29 37.50 10.57
N VAL D 18 19.43 37.85 11.18
CA VAL D 18 20.17 36.87 11.97
C VAL D 18 19.82 37.14 13.42
N LEU D 19 19.13 36.18 14.05
CA LEU D 19 18.75 36.32 15.44
C LEU D 19 19.93 35.95 16.32
N LEU D 20 20.41 36.93 17.10
CA LEU D 20 21.57 36.73 17.97
C LEU D 20 21.46 37.52 19.29
N GLY D 21 22.18 37.04 20.30
CA GLY D 21 22.15 37.66 21.62
C GLY D 21 21.18 36.96 22.53
N GLY D 22 20.03 37.58 22.77
CA GLY D 22 19.01 37.02 23.65
C GLY D 22 19.27 37.27 25.13
N ASP D 23 18.41 36.71 25.98
CA ASP D 23 18.42 36.91 27.43
C ASP D 23 19.18 35.80 28.17
N SER D 24 19.33 34.64 27.57
CA SER D 24 19.87 33.46 28.26
C SER D 24 21.35 33.57 28.66
N ALA D 25 21.81 32.57 29.41
CA ALA D 25 23.18 32.49 29.89
C ALA D 25 24.21 32.30 28.76
N GLU D 26 23.76 31.80 27.62
CA GLU D 26 24.63 31.65 26.47
C GLU D 26 24.68 32.88 25.52
N ARG D 27 24.28 34.04 26.01
CA ARG D 27 24.20 35.25 25.22
C ARG D 27 25.51 35.55 24.47
N GLU D 28 26.64 35.42 25.15
CA GLU D 28 27.94 35.78 24.56
C GLU D 28 28.32 34.84 23.40
N VAL D 29 28.06 33.55 23.56
CA VAL D 29 28.29 32.58 22.49
C VAL D 29 27.32 32.83 21.30
N SER D 30 26.08 33.23 21.60
CA SER D 30 25.15 33.59 20.56
C SER D 30 25.65 34.83 19.78
N LEU D 31 26.12 35.87 20.48
CA LEU D 31 26.63 37.10 19.83
C LEU D 31 27.80 36.84 18.91
N ASN D 32 28.74 36.02 19.38
CA ASN D 32 29.90 35.65 18.58
C ASN D 32 29.50 34.77 17.39
N SER D 33 28.65 33.80 17.65
CA SER D 33 28.17 32.90 16.63
C SER D 33 27.38 33.66 15.56
N GLY D 34 26.51 34.59 15.99
CA GLY D 34 25.66 35.33 15.07
C GLY D 34 26.43 36.21 14.12
N ARG D 35 27.52 36.82 14.61
CA ARG D 35 28.36 37.69 13.77
C ARG D 35 29.04 36.88 12.69
N LEU D 36 29.49 35.66 13.02
CA LEU D 36 30.06 34.77 12.01
C LEU D 36 29.01 34.31 10.96
N VAL D 37 27.80 33.98 11.40
CA VAL D 37 26.73 33.60 10.51
C VAL D 37 26.45 34.76 9.54
N LEU D 38 26.36 35.95 10.11
CA LEU D 38 26.06 37.14 9.34
C LEU D 38 27.11 37.35 8.23
N GLN D 39 28.40 37.17 8.59
CA GLN D 39 29.50 37.31 7.62
C GLN D 39 29.41 36.21 6.60
N GLY D 40 29.10 34.99 7.05
CA GLY D 40 28.87 33.88 6.16
C GLY D 40 27.80 34.20 5.11
N LEU D 41 26.65 34.70 5.54
CA LEU D 41 25.55 35.04 4.61
C LEU D 41 25.91 36.21 3.65
N ARG D 42 26.52 37.26 4.20
CA ARG D 42 26.97 38.43 3.40
C ARG D 42 28.01 38.03 2.32
N ASP D 43 28.90 37.09 2.65
CA ASP D 43 29.87 36.58 1.66
C ASP D 43 29.20 35.92 0.44
N ALA D 44 28.00 35.37 0.63
CA ALA D 44 27.21 34.77 -0.46
C ALA D 44 26.27 35.80 -1.14
N GLY D 45 26.36 37.08 -0.79
CA GLY D 45 25.53 38.14 -1.42
C GLY D 45 24.09 38.21 -0.88
N ILE D 46 23.84 37.59 0.27
CA ILE D 46 22.52 37.57 0.87
C ILE D 46 22.30 38.81 1.75
N ASP D 47 21.08 39.35 1.65
CA ASP D 47 20.73 40.61 2.28
C ASP D 47 20.37 40.37 3.76
N ALA D 48 21.41 40.14 4.57
CA ALA D 48 21.25 39.73 5.96
C ALA D 48 21.65 40.80 6.98
N HIS D 49 20.87 40.91 8.05
CA HIS D 49 21.03 41.96 9.06
C HIS D 49 20.92 41.37 10.46
N PRO D 50 21.64 41.93 11.42
CA PRO D 50 21.55 41.40 12.79
C PRO D 50 20.27 41.84 13.45
N PHE D 51 19.75 41.02 14.36
CA PHE D 51 18.58 41.40 15.13
C PHE D 51 18.60 40.74 16.51
N ASP D 52 18.65 41.56 17.57
CA ASP D 52 18.76 41.05 18.94
C ASP D 52 17.39 41.16 19.65
N PRO D 53 16.68 40.04 19.84
CA PRO D 53 15.35 40.15 20.46
C PRO D 53 15.35 40.56 21.96
N ALA D 54 16.52 40.58 22.62
CA ALA D 54 16.62 41.13 23.95
C ALA D 54 16.65 42.66 23.94
N GLN D 55 17.03 43.26 22.82
CA GLN D 55 17.09 44.73 22.71
C GLN D 55 15.96 45.33 21.93
N ARG D 56 15.33 44.55 21.08
CA ARG D 56 14.39 45.09 20.10
C ARG D 56 13.12 44.26 20.09
N PRO D 57 11.95 44.91 19.87
CA PRO D 57 10.68 44.16 19.80
C PRO D 57 10.59 43.26 18.57
N LEU D 58 10.17 42.02 18.78
CA LEU D 58 10.12 41.02 17.71
C LEU D 58 9.24 41.48 16.54
N ALA D 59 8.20 42.24 16.83
CA ALA D 59 7.28 42.70 15.81
C ALA D 59 7.97 43.60 14.78
N ALA D 60 9.14 44.14 15.12
CA ALA D 60 9.90 45.01 14.21
C ALA D 60 10.37 44.24 13.00
N LEU D 61 10.47 42.90 13.13
CA LEU D 61 10.84 42.07 11.99
C LEU D 61 9.82 42.25 10.86
N LYS D 62 8.53 42.08 11.18
CA LYS D 62 7.46 42.21 10.20
C LYS D 62 7.32 43.67 9.73
N ASP D 63 7.46 44.63 10.65
CA ASP D 63 7.36 46.07 10.29
C ASP D 63 8.49 46.51 9.35
N GLU D 64 9.66 45.87 9.45
CA GLU D 64 10.79 46.25 8.59
C GLU D 64 10.93 45.38 7.32
N GLY D 65 9.92 44.57 7.01
CA GLY D 65 9.95 43.72 5.80
C GLY D 65 10.90 42.51 5.77
N PHE D 66 11.22 41.95 6.93
CA PHE D 66 12.04 40.73 6.98
C PHE D 66 11.17 39.55 6.59
N VAL D 67 11.64 38.69 5.72
CA VAL D 67 10.86 37.53 5.28
C VAL D 67 11.34 36.21 5.94
N ARG D 68 12.56 36.23 6.46
CA ARG D 68 13.24 35.02 6.90
C ARG D 68 14.22 35.35 8.01
N ALA D 69 14.57 34.35 8.82
CA ALA D 69 15.46 34.53 9.95
C ALA D 69 16.41 33.33 10.10
N PHE D 70 17.70 33.60 10.29
CA PHE D 70 18.64 32.55 10.69
C PHE D 70 18.74 32.58 12.22
N ASN D 71 18.30 31.51 12.87
CA ASN D 71 18.30 31.46 14.33
C ASN D 71 19.69 31.11 14.84
N ALA D 72 20.37 32.09 15.45
CA ALA D 72 21.68 31.85 16.06
C ALA D 72 21.61 32.00 17.57
N LEU D 73 20.40 31.92 18.14
CA LEU D 73 20.19 32.04 19.59
C LEU D 73 20.51 30.71 20.27
N HIS D 74 20.82 30.76 21.56
CA HIS D 74 21.05 29.54 22.33
C HIS D 74 20.37 29.63 23.65
N GLY D 75 19.61 28.60 24.00
CA GLY D 75 18.93 28.54 25.30
C GLY D 75 17.72 29.44 25.41
N GLY D 76 16.97 29.25 26.50
CA GLY D 76 15.77 30.02 26.76
C GLY D 76 14.79 29.99 25.61
N TYR D 77 14.21 31.15 25.32
CA TYR D 77 13.17 31.22 24.30
C TYR D 77 13.66 30.90 22.89
N GLY D 78 14.97 30.85 22.67
CA GLY D 78 15.55 30.62 21.35
C GLY D 78 15.36 29.23 20.77
N GLU D 79 15.21 28.25 21.64
CA GLU D 79 15.24 26.86 21.23
C GLU D 79 14.10 26.00 21.79
N ASN D 80 13.13 26.59 22.49
CA ASN D 80 12.11 25.80 23.18
C ASN D 80 10.73 25.91 22.57
N GLY D 81 10.62 26.58 21.43
CA GLY D 81 9.36 26.76 20.76
C GLY D 81 8.77 28.14 20.89
N GLN D 82 9.24 28.93 21.84
CA GLN D 82 8.66 30.22 22.12
C GLN D 82 8.88 31.21 20.99
N ILE D 83 10.13 31.37 20.60
CA ILE D 83 10.42 32.32 19.55
C ILE D 83 9.89 31.77 18.23
N GLN D 84 9.89 30.45 18.10
CA GLN D 84 9.39 29.83 16.90
C GLN D 84 7.91 30.13 16.74
N GLY D 85 7.14 29.97 17.82
CA GLY D 85 5.70 30.30 17.78
C GLY D 85 5.44 31.75 17.43
N ALA D 86 6.22 32.66 18.02
CA ALA D 86 6.04 34.09 17.76
C ALA D 86 6.37 34.42 16.30
N LEU D 87 7.44 33.84 15.78
CA LEU D 87 7.84 34.08 14.40
C LEU D 87 6.83 33.49 13.40
N ASP D 88 6.28 32.32 13.70
CA ASP D 88 5.17 31.78 12.92
C ASP D 88 4.02 32.78 12.90
N PHE D 89 3.70 33.31 14.08
CA PHE D 89 2.61 34.26 14.20
C PHE D 89 2.82 35.47 13.28
N TYR D 90 4.06 35.97 13.21
CA TYR D 90 4.38 37.12 12.35
C TYR D 90 4.69 36.74 10.91
N GLY D 91 4.49 35.49 10.50
CA GLY D 91 4.73 35.09 9.11
C GLY D 91 6.21 35.01 8.66
N ILE D 92 7.13 34.89 9.62
CA ILE D 92 8.56 34.89 9.34
C ILE D 92 9.08 33.46 9.33
N ARG D 93 9.68 33.04 8.23
CA ARG D 93 10.27 31.71 8.16
C ARG D 93 11.64 31.70 8.85
N TYR D 94 12.03 30.57 9.44
CA TYR D 94 13.25 30.53 10.23
C TYR D 94 13.94 29.17 10.09
N THR D 95 15.26 29.18 10.31
CA THR D 95 16.05 27.96 10.24
C THR D 95 15.73 27.15 11.49
N GLY D 96 16.11 25.88 11.48
CA GLY D 96 15.88 25.00 12.60
C GLY D 96 14.45 24.53 12.53
N SER D 97 13.93 24.02 13.63
CA SER D 97 12.64 23.35 13.60
C SER D 97 11.52 24.22 14.10
N GLY D 98 10.29 23.84 13.77
CA GLY D 98 9.10 24.51 14.25
C GLY D 98 8.80 24.27 15.73
N VAL D 99 7.57 24.63 16.11
CA VAL D 99 7.21 24.62 17.51
C VAL D 99 7.32 23.20 18.10
N LEU D 100 6.72 22.22 17.43
CA LEU D 100 6.63 20.88 18.00
C LEU D 100 8.02 20.26 18.11
N GLY D 101 8.76 20.30 17.01
CA GLY D 101 10.11 19.75 16.99
C GLY D 101 11.05 20.40 17.96
N SER D 102 10.94 21.70 18.12
CA SER D 102 11.77 22.42 19.07
C SER D 102 11.39 22.03 20.49
N ALA D 103 10.11 22.03 20.81
CA ALA D 103 9.71 21.73 22.19
C ALA D 103 9.99 20.29 22.52
N LEU D 104 9.62 19.40 21.61
CA LEU D 104 9.79 17.97 21.83
C LEU D 104 11.28 17.62 21.97
N GLY D 105 12.10 18.22 21.11
CA GLY D 105 13.54 18.04 21.15
C GLY D 105 14.18 18.39 22.49
N LEU D 106 13.71 19.47 23.11
CA LEU D 106 14.18 19.81 24.45
C LEU D 106 13.64 18.87 25.55
N ASP D 107 12.53 18.18 25.31
CA ASP D 107 11.95 17.28 26.31
C ASP D 107 12.60 15.89 26.12
N LYS D 108 13.69 15.65 26.85
CA LYS D 108 14.47 14.42 26.70
C LYS D 108 13.65 13.16 26.92
N PHE D 109 12.77 13.18 27.91
CA PHE D 109 11.90 12.07 28.23
C PHE D 109 10.95 11.71 27.07
N ARG D 110 10.20 12.68 26.57
CA ARG D 110 9.21 12.39 25.53
C ARG D 110 9.85 12.07 24.19
N THR D 111 11.01 12.67 23.90
CA THR D 111 11.83 12.29 22.75
C THR D 111 12.19 10.80 22.77
N LYS D 112 12.62 10.32 23.91
CA LYS D 112 12.97 8.89 24.07
C LYS D 112 11.74 7.99 23.91
N LEU D 113 10.56 8.44 24.37
CA LEU D 113 9.34 7.64 24.21
C LEU D 113 9.03 7.46 22.72
N VAL D 114 9.15 8.56 21.97
CA VAL D 114 8.87 8.49 20.55
C VAL D 114 9.85 7.58 19.84
N TRP D 115 11.12 7.73 20.18
CA TRP D 115 12.18 6.94 19.62
C TRP D 115 11.96 5.46 19.84
N GLN D 116 11.63 5.09 21.07
CA GLN D 116 11.31 3.67 21.32
C GLN D 116 10.18 3.04 20.46
N GLN D 117 9.22 3.82 20.01
CA GLN D 117 8.12 3.33 19.19
C GLN D 117 8.35 3.34 17.69
N THR D 118 9.46 3.91 17.26
CA THR D 118 9.72 4.07 15.84
C THR D 118 11.06 3.54 15.38
N GLY D 119 11.64 2.67 16.19
CA GLY D 119 12.81 1.95 15.79
C GLY D 119 14.13 2.67 15.94
N ILE D 120 14.19 3.74 16.73
CA ILE D 120 15.45 4.38 17.08
C ILE D 120 15.91 3.78 18.42
N PRO D 121 17.06 3.11 18.42
CA PRO D 121 17.56 2.53 19.68
C PRO D 121 18.02 3.58 20.69
N THR D 122 17.69 3.37 21.96
CA THR D 122 17.87 4.37 22.99
C THR D 122 18.01 3.59 24.30
N PRO D 123 18.62 4.16 25.34
CA PRO D 123 18.84 3.28 26.50
C PRO D 123 17.50 2.80 27.08
N PRO D 124 17.34 1.51 27.37
CA PRO D 124 16.03 1.06 27.81
C PRO D 124 15.61 1.69 29.16
N PHE D 125 14.31 1.90 29.33
CA PHE D 125 13.76 2.51 30.54
C PHE D 125 12.29 2.25 30.61
N GLU D 126 11.72 2.50 31.78
CA GLU D 126 10.28 2.40 31.96
C GLU D 126 9.81 3.62 32.69
N THR D 127 8.49 3.86 32.65
CA THR D 127 7.90 5.01 33.34
C THR D 127 6.94 4.54 34.43
N VAL D 128 6.85 5.32 35.49
CA VAL D 128 5.88 5.07 36.53
C VAL D 128 5.21 6.40 36.86
N MET D 129 3.93 6.35 37.19
CA MET D 129 3.18 7.55 37.51
C MET D 129 2.64 7.51 38.93
N ARG D 130 2.39 8.71 39.47
CA ARG D 130 1.69 8.89 40.75
C ARG D 130 0.28 8.30 40.60
N ASP D 133 0.39 1.38 41.33
CA ASP D 133 0.78 0.26 42.21
C ASP D 133 2.31 0.02 42.15
N TYR D 134 3.04 0.70 43.04
CA TYR D 134 4.49 0.78 42.94
C TYR D 134 5.15 -0.59 43.06
N ALA D 135 4.61 -1.44 43.93
CA ALA D 135 5.13 -2.79 44.13
C ALA D 135 5.02 -3.65 42.87
N ALA D 136 3.86 -3.59 42.20
CA ALA D 136 3.65 -4.33 40.93
C ALA D 136 4.55 -3.78 39.80
N ARG D 137 4.62 -2.46 39.66
CA ARG D 137 5.48 -1.84 38.64
C ARG D 137 6.97 -2.16 38.89
N ALA D 138 7.42 -2.10 40.14
CA ALA D 138 8.80 -2.47 40.49
C ALA D 138 9.17 -3.85 39.98
N GLN D 139 8.32 -4.84 40.21
CA GLN D 139 8.59 -6.23 39.80
C GLN D 139 8.71 -6.37 38.28
N ASP D 140 7.80 -5.75 37.55
CA ASP D 140 7.84 -5.77 36.08
C ASP D 140 9.08 -5.03 35.54
N ILE D 141 9.42 -3.89 36.15
CA ILE D 141 10.58 -3.12 35.74
C ILE D 141 11.89 -3.87 35.96
N VAL D 142 12.05 -4.48 37.12
CA VAL D 142 13.23 -5.31 37.39
C VAL D 142 13.36 -6.43 36.35
N ALA D 143 12.25 -7.05 36.01
CA ALA D 143 12.23 -8.12 34.99
C ALA D 143 12.78 -7.67 33.66
N LYS D 144 12.35 -6.49 33.22
CA LYS D 144 12.78 -5.97 31.94
C LYS D 144 14.19 -5.39 32.00
N LEU D 145 14.49 -4.62 33.04
CA LEU D 145 15.71 -3.80 33.05
C LEU D 145 16.88 -4.34 33.89
N GLY D 146 16.61 -5.24 34.83
CA GLY D 146 17.67 -5.73 35.72
C GLY D 146 17.95 -4.82 36.90
N VAL D 147 18.94 -5.21 37.70
CA VAL D 147 18.93 -4.85 39.14
C VAL D 147 19.79 -3.68 39.64
N PRO D 148 20.74 -3.19 38.82
CA PRO D 148 21.17 -1.82 39.12
C PRO D 148 20.41 -0.84 38.18
N LEU D 149 19.51 -0.02 38.75
CA LEU D 149 18.59 0.85 37.99
C LEU D 149 18.67 2.27 38.52
N PHE D 150 18.40 3.24 37.65
CA PHE D 150 18.54 4.65 38.00
C PHE D 150 17.16 5.33 37.93
N VAL D 151 16.77 6.00 39.01
CA VAL D 151 15.43 6.59 39.15
C VAL D 151 15.47 8.12 39.20
N LYS D 152 14.66 8.77 38.36
CA LYS D 152 14.66 10.24 38.14
C LYS D 152 13.30 10.80 37.69
N PRO D 153 12.95 12.02 38.13
CA PRO D 153 11.77 12.68 37.51
C PRO D 153 12.01 13.04 36.05
N ALA D 170 13.04 -1.77 48.34
CA ALA D 170 14.14 -1.20 47.54
C ALA D 170 13.62 -0.20 46.48
N LEU D 171 13.22 -0.75 45.34
CA LEU D 171 12.70 0.04 44.22
C LEU D 171 11.31 0.65 44.48
N PRO D 172 10.35 -0.12 45.04
CA PRO D 172 9.06 0.47 45.40
C PRO D 172 9.19 1.78 46.16
N ALA D 173 10.04 1.79 47.19
CA ALA D 173 10.25 3.00 47.99
C ALA D 173 10.85 4.15 47.19
N ALA D 174 11.75 3.83 46.24
CA ALA D 174 12.36 4.86 45.38
C ALA D 174 11.33 5.45 44.40
N LEU D 175 10.38 4.62 43.95
CA LEU D 175 9.32 5.08 43.05
C LEU D 175 8.32 5.99 43.80
N GLU D 176 7.92 5.56 45.00
CA GLU D 176 7.11 6.38 45.90
C GLU D 176 7.73 7.75 46.13
N GLU D 177 9.05 7.79 46.36
CA GLU D 177 9.72 9.04 46.74
C GLU D 177 9.94 9.96 45.55
N ALA D 178 10.21 9.38 44.37
CA ALA D 178 10.32 10.17 43.13
C ALA D 178 8.95 10.70 42.68
N ALA D 179 7.90 9.90 42.86
CA ALA D 179 6.52 10.29 42.50
C ALA D 179 5.95 11.44 43.36
N LYS D 180 6.49 11.62 44.56
CA LYS D 180 6.11 12.77 45.39
C LYS D 180 6.54 14.07 44.70
N HIS D 181 7.63 14.04 43.94
CA HIS D 181 8.22 15.24 43.34
C HIS D 181 7.69 15.55 41.98
N ASP D 182 7.30 14.53 41.23
CA ASP D 182 6.72 14.73 39.90
C ASP D 182 5.67 13.65 39.58
N LYS D 183 4.70 14.02 38.75
CA LYS D 183 3.63 13.09 38.41
C LYS D 183 4.17 11.88 37.65
N ILE D 184 5.31 12.04 36.98
CA ILE D 184 5.91 10.99 36.16
C ILE D 184 7.40 10.80 36.50
N VAL D 185 7.79 9.55 36.70
CA VAL D 185 9.19 9.19 36.99
C VAL D 185 9.70 8.18 35.94
N ILE D 186 10.98 8.31 35.60
CA ILE D 186 11.68 7.38 34.72
C ILE D 186 12.59 6.43 35.50
N VAL D 187 12.61 5.17 35.10
CA VAL D 187 13.55 4.18 35.64
C VAL D 187 14.45 3.68 34.50
N GLU D 188 15.75 3.98 34.55
CA GLU D 188 16.67 3.67 33.46
C GLU D 188 17.63 2.52 33.79
N LYS D 189 17.89 1.69 32.78
CA LYS D 189 18.87 0.61 32.85
C LYS D 189 20.29 1.16 32.92
N SER D 190 21.15 0.42 33.58
CA SER D 190 22.58 0.72 33.56
C SER D 190 23.18 0.20 32.26
N ILE D 191 23.95 1.04 31.57
CA ILE D 191 24.67 0.63 30.36
C ILE D 191 26.13 1.06 30.42
N GLU D 192 27.05 0.18 30.03
CA GLU D 192 28.49 0.49 30.11
C GLU D 192 28.97 1.35 28.94
N GLY D 193 29.64 2.45 29.28
CA GLY D 193 30.08 3.43 28.27
C GLY D 193 31.16 2.89 27.36
N GLY D 194 30.87 2.85 26.06
CA GLY D 194 31.82 2.37 25.03
C GLY D 194 32.13 3.34 23.90
N GLY D 195 32.04 4.64 24.19
CA GLY D 195 32.29 5.69 23.20
C GLY D 195 31.08 6.59 23.04
N GLU D 196 31.31 7.89 22.98
CA GLU D 196 30.26 8.87 22.70
C GLU D 196 30.55 9.53 21.35
N TYR D 197 29.49 9.77 20.57
CA TYR D 197 29.58 10.26 19.20
C TYR D 197 28.48 11.27 18.92
N THR D 198 28.70 12.10 17.90
CA THR D 198 27.66 13.00 17.48
C THR D 198 27.61 13.09 15.96
N ALA D 199 26.37 13.15 15.47
CA ALA D 199 26.11 13.25 14.05
C ALA D 199 25.49 14.57 13.76
N CYS D 200 26.20 15.40 13.02
CA CYS D 200 25.67 16.65 12.54
C CYS D 200 24.84 16.45 11.29
N ILE D 201 23.70 17.11 11.25
CA ILE D 201 22.80 17.07 10.10
C ILE D 201 22.65 18.50 9.61
N ALA D 202 22.88 18.70 8.31
CA ALA D 202 22.71 20.01 7.66
C ALA D 202 22.20 19.80 6.26
N ALA D 203 20.87 19.84 6.10
CA ALA D 203 20.23 19.63 4.80
C ALA D 203 20.73 18.32 4.18
N ASP D 204 21.08 18.33 2.90
CA ASP D 204 21.57 17.14 2.20
C ASP D 204 23.10 16.93 2.31
N LEU D 205 23.80 17.72 3.12
CA LEU D 205 25.27 17.60 3.18
C LEU D 205 25.71 16.31 3.88
N ASP D 206 26.79 15.73 3.39
CA ASP D 206 27.30 14.48 3.92
C ASP D 206 28.42 14.84 4.89
N LEU D 207 28.04 14.99 6.16
CA LEU D 207 28.97 15.37 7.20
C LEU D 207 29.43 14.09 7.93
N PRO D 208 30.72 14.00 8.26
CA PRO D 208 31.21 12.81 8.94
C PRO D 208 30.82 12.81 10.41
N LEU D 209 30.68 11.63 10.99
CA LEU D 209 30.45 11.50 12.45
C LEU D 209 31.66 12.05 13.18
N ILE D 210 31.45 12.51 14.41
CA ILE D 210 32.51 12.99 15.25
C ILE D 210 32.52 12.16 16.53
N ARG D 211 33.69 11.65 16.93
CA ARG D 211 33.81 11.01 18.25
C ARG D 211 34.17 12.07 19.31
N ILE D 212 33.42 12.08 20.40
CA ILE D 212 33.66 13.00 21.50
C ILE D 212 34.51 12.32 22.56
N VAL D 213 35.66 12.92 22.85
CA VAL D 213 36.67 12.34 23.73
C VAL D 213 36.93 13.38 24.86
N PRO D 214 36.96 12.94 26.13
CA PRO D 214 37.35 13.90 27.17
C PRO D 214 38.83 14.26 26.93
N ALA D 215 39.18 15.54 27.06
CA ALA D 215 40.46 16.01 26.56
C ALA D 215 41.28 16.76 27.63
N GLY D 216 41.84 15.97 28.54
CA GLY D 216 42.81 16.39 29.54
C GLY D 216 44.24 16.06 29.09
N GLU D 217 45.22 16.88 29.47
CA GLU D 217 46.60 16.55 29.16
C GLU D 217 47.04 15.26 29.87
N PHE D 218 47.95 14.53 29.26
CA PHE D 218 48.51 13.34 29.89
C PHE D 218 49.90 13.10 29.37
N TYR D 219 50.60 12.21 30.05
CA TYR D 219 51.85 11.63 29.60
C TYR D 219 51.52 10.26 29.05
N ASP D 220 52.23 9.85 28.01
CA ASP D 220 51.97 8.58 27.34
C ASP D 220 52.98 7.56 27.87
N TYR D 221 52.85 6.31 27.41
CA TYR D 221 53.74 5.26 27.90
C TYR D 221 55.25 5.59 27.79
N HIS D 222 55.64 6.35 26.76
CA HIS D 222 57.06 6.78 26.58
C HIS D 222 57.43 8.05 27.31
N ALA D 223 56.52 8.62 28.11
CA ALA D 223 56.78 9.86 28.87
C ALA D 223 56.89 11.10 27.94
N LYS D 224 56.09 11.11 26.87
CA LYS D 224 55.96 12.25 25.99
C LYS D 224 54.77 12.99 26.56
N TYR D 225 54.87 14.30 26.64
CA TYR D 225 53.75 15.11 27.02
C TYR D 225 52.81 15.29 25.83
N ILE D 226 51.52 15.06 26.08
CA ILE D 226 50.51 15.25 25.07
C ILE D 226 49.43 16.15 25.66
N ALA D 227 49.15 17.26 24.98
CA ALA D 227 48.18 18.27 25.46
C ALA D 227 46.72 17.78 25.47
N ASN D 228 46.26 17.25 24.33
CA ASN D 228 44.91 16.66 24.18
C ASN D 228 43.82 17.75 24.17
N GLN D 231 39.37 17.37 21.50
CA GLN D 231 38.32 16.58 22.13
C GLN D 231 37.26 16.03 21.13
N TYR D 232 37.28 16.51 19.88
CA TYR D 232 36.36 16.09 18.85
C TYR D 232 37.17 15.50 17.70
N LEU D 233 37.01 14.19 17.51
CA LEU D 233 37.84 13.44 16.58
C LEU D 233 37.13 13.10 15.28
N ILE D 234 37.77 13.50 14.19
CA ILE D 234 37.44 13.05 12.85
C ILE D 234 38.75 12.52 12.26
N PRO D 235 38.78 11.29 11.72
CA PRO D 235 37.69 10.31 11.60
C PRO D 235 37.24 9.81 12.97
N CYS D 236 35.99 9.36 13.08
CA CYS D 236 35.46 8.99 14.39
C CYS D 236 35.97 7.62 14.86
N GLY D 237 36.52 6.83 13.94
CA GLY D 237 37.13 5.52 14.25
C GLY D 237 36.21 4.31 13.98
N LEU D 238 35.00 4.57 13.49
CA LEU D 238 34.11 3.48 13.12
C LEU D 238 34.27 3.16 11.62
N ASP D 239 34.00 1.91 11.24
CA ASP D 239 34.07 1.50 9.83
C ASP D 239 32.92 2.09 9.02
N ALA D 240 33.07 2.06 7.70
CA ALA D 240 32.14 2.77 6.79
C ALA D 240 30.69 2.34 6.94
N ALA D 241 30.48 1.04 7.17
CA ALA D 241 29.14 0.49 7.24
C ALA D 241 28.41 0.95 8.52
N LYS D 242 29.14 1.02 9.62
CA LYS D 242 28.60 1.51 10.87
C LYS D 242 28.40 3.05 10.80
N GLU D 243 29.34 3.78 10.23
CA GLU D 243 29.20 5.23 10.08
C GLU D 243 27.91 5.56 9.30
N ALA D 244 27.76 4.92 8.15
CA ALA D 244 26.58 5.07 7.32
C ALA D 244 25.31 4.67 8.09
N GLU D 245 25.35 3.55 8.80
CA GLU D 245 24.19 3.09 9.55
C GLU D 245 23.83 4.09 10.65
N PHE D 246 24.81 4.62 11.36
CA PHE D 246 24.51 5.49 12.47
C PHE D 246 24.05 6.87 11.99
N LYS D 247 24.55 7.32 10.84
CA LYS D 247 24.07 8.58 10.24
C LYS D 247 22.64 8.52 9.78
N ARG D 248 22.26 7.36 9.26
CA ARG D 248 20.90 7.12 8.82
C ARG D 248 19.96 7.09 10.01
N ILE D 249 20.33 6.40 11.10
CA ILE D 249 19.50 6.42 12.31
C ILE D 249 19.34 7.87 12.86
N ALA D 250 20.43 8.64 12.82
CA ALA D 250 20.40 10.04 13.23
C ALA D 250 19.34 10.84 12.48
N ARG D 251 19.28 10.67 11.15
CA ARG D 251 18.28 11.38 10.34
C ARG D 251 16.86 10.87 10.64
N ARG D 252 16.71 9.58 10.86
CA ARG D 252 15.43 9.04 11.23
C ARG D 252 14.98 9.59 12.60
N ALA D 253 15.95 9.78 13.51
CA ALA D 253 15.66 10.26 14.86
C ALA D 253 15.13 11.68 14.85
N PHE D 254 15.64 12.52 13.94
CA PHE D 254 15.07 13.84 13.69
C PHE D 254 13.67 13.81 13.07
N ASP D 255 13.51 13.04 11.99
CA ASP D 255 12.24 12.85 11.27
C ASP D 255 11.06 12.47 12.19
N VAL D 256 11.26 11.51 13.08
CA VAL D 256 10.13 11.10 13.92
C VAL D 256 9.75 12.12 14.97
N LEU D 257 10.69 13.00 15.33
CA LEU D 257 10.38 14.10 16.24
C LEU D 257 9.78 15.31 15.55
N GLY D 258 9.65 15.30 14.22
CA GLY D 258 9.12 16.47 13.50
C GLY D 258 10.16 17.57 13.32
N CYS D 259 11.43 17.21 13.42
CA CYS D 259 12.50 18.22 13.36
C CYS D 259 12.93 18.45 11.92
N THR D 260 13.33 19.66 11.61
CA THR D 260 13.94 19.97 10.33
C THR D 260 15.35 19.42 10.32
N ASP D 261 15.93 19.21 9.15
CA ASP D 261 17.29 18.66 9.07
C ASP D 261 18.42 19.68 9.34
N TRP D 262 18.49 20.14 10.59
CA TRP D 262 19.53 21.04 11.06
C TRP D 262 19.72 20.77 12.50
N GLY D 263 20.89 20.24 12.87
CA GLY D 263 21.12 19.87 14.24
C GLY D 263 22.11 18.77 14.42
N ARG D 264 22.20 18.28 15.66
CA ARG D 264 23.10 17.22 16.06
C ARG D 264 22.30 16.16 16.77
N ALA D 265 22.63 14.89 16.53
CA ALA D 265 22.10 13.80 17.32
C ALA D 265 23.26 13.13 18.05
N ASP D 266 23.17 13.06 19.38
CA ASP D 266 24.22 12.50 20.21
C ASP D 266 23.87 11.05 20.50
N PHE D 267 24.88 10.18 20.44
CA PHE D 267 24.64 8.80 20.80
C PHE D 267 25.88 8.19 21.41
N MET D 268 25.69 7.01 22.03
CA MET D 268 26.79 6.26 22.62
C MET D 268 26.77 4.82 22.09
N LEU D 269 27.89 4.15 22.25
CA LEU D 269 27.97 2.72 21.98
C LEU D 269 28.18 1.96 23.27
N ASP D 270 27.63 0.76 23.39
CA ASP D 270 28.03 -0.16 24.47
C ASP D 270 29.28 -0.91 24.02
N ALA D 271 29.79 -1.79 24.87
CA ALA D 271 31.01 -2.57 24.57
C ALA D 271 30.87 -3.42 23.29
N ALA D 272 29.68 -3.95 23.05
CA ALA D 272 29.45 -4.78 21.86
C ALA D 272 29.28 -3.97 20.57
N GLY D 273 29.31 -2.64 20.68
CA GLY D 273 29.17 -1.78 19.49
C GLY D 273 27.75 -1.42 19.11
N ASN D 274 26.77 -1.71 19.96
CA ASN D 274 25.38 -1.30 19.70
C ASN D 274 25.19 0.18 20.00
N PRO D 275 24.46 0.91 19.13
CA PRO D 275 24.18 2.32 19.35
C PRO D 275 22.97 2.57 20.28
N TYR D 276 23.04 3.62 21.08
CA TYR D 276 21.90 4.09 21.89
C TYR D 276 21.86 5.61 21.73
N PHE D 277 20.79 6.14 21.19
CA PHE D 277 20.65 7.58 20.99
C PHE D 277 20.17 8.25 22.26
N LEU D 278 20.78 9.39 22.58
CA LEU D 278 20.60 10.08 23.85
C LEU D 278 19.77 11.38 23.75
N GLU D 279 20.04 12.19 22.75
CA GLU D 279 19.35 13.47 22.60
C GLU D 279 19.66 14.13 21.28
N VAL D 280 18.82 15.11 20.93
CA VAL D 280 19.05 15.96 19.78
C VAL D 280 19.23 17.39 20.25
N ASN D 281 19.91 18.15 19.43
CA ASN D 281 20.15 19.54 19.65
C ASN D 281 19.72 20.17 18.33
N THR D 282 18.66 20.98 18.36
CA THR D 282 18.15 21.64 17.16
C THR D 282 18.68 23.06 16.97
N ALA D 283 19.63 23.47 17.80
CA ALA D 283 20.24 24.79 17.69
C ALA D 283 21.73 24.61 17.96
N PRO D 284 22.46 23.96 17.04
CA PRO D 284 23.88 23.74 17.28
C PRO D 284 24.76 25.01 17.21
N GLY D 285 25.94 24.91 17.82
CA GLY D 285 26.94 26.00 17.82
C GLY D 285 27.39 26.38 16.44
N MET D 286 27.69 27.67 16.23
CA MET D 286 28.20 28.15 14.96
C MET D 286 29.43 29.05 15.09
N THR D 287 30.14 28.92 16.20
CA THR D 287 31.44 29.57 16.36
C THR D 287 32.44 28.81 15.53
N ASP D 288 33.64 29.37 15.42
CA ASP D 288 34.72 28.76 14.64
C ASP D 288 35.07 27.36 15.13
N HIS D 289 34.97 27.14 16.44
CA HIS D 289 35.30 25.84 17.04
C HIS D 289 34.10 24.94 17.29
N SER D 290 32.91 25.31 16.84
CA SER D 290 31.70 24.47 17.03
C SER D 290 31.70 23.26 16.10
N LEU D 291 30.88 22.28 16.39
CA LEU D 291 30.95 21.00 15.67
C LEU D 291 30.51 21.03 14.22
N PRO D 292 29.41 21.73 13.90
CA PRO D 292 29.03 21.65 12.48
C PRO D 292 30.08 22.27 11.54
N PRO D 293 30.65 23.43 11.89
CA PRO D 293 31.69 23.97 11.00
C PRO D 293 32.91 23.06 10.91
N LYS D 294 33.28 22.42 12.01
CA LYS D 294 34.40 21.48 12.02
C LYS D 294 34.12 20.30 11.12
N ALA D 295 32.94 19.71 11.26
CA ALA D 295 32.59 18.57 10.42
C ALA D 295 32.57 18.94 8.96
N ALA D 296 32.01 20.12 8.66
CA ALA D 296 31.95 20.61 7.28
C ALA D 296 33.37 20.86 6.73
N ARG D 297 34.23 21.52 7.49
CA ARG D 297 35.61 21.73 7.06
C ARG D 297 36.33 20.43 6.76
N ALA D 298 36.13 19.42 7.62
CA ALA D 298 36.79 18.13 7.45
C ALA D 298 36.60 17.53 6.06
N VAL D 299 35.47 17.82 5.43
CA VAL D 299 35.23 17.29 4.08
C VAL D 299 35.16 18.43 3.04
N GLY D 300 35.88 19.50 3.31
CA GLY D 300 36.11 20.56 2.31
C GLY D 300 34.99 21.55 2.10
N ILE D 301 34.05 21.62 3.04
CA ILE D 301 32.90 22.52 2.93
C ILE D 301 33.16 23.73 3.81
N GLY D 302 33.20 24.91 3.19
CA GLY D 302 33.44 26.15 3.90
C GLY D 302 32.24 26.68 4.67
N TYR D 303 32.54 27.52 5.67
CA TYR D 303 31.57 28.08 6.58
C TYR D 303 30.40 28.75 5.84
N SER D 304 30.73 29.50 4.81
CA SER D 304 29.70 30.19 4.05
C SER D 304 28.74 29.24 3.38
N GLU D 305 29.27 28.22 2.72
CA GLU D 305 28.40 27.23 2.05
C GLU D 305 27.51 26.51 3.06
N LEU D 306 28.05 26.19 4.23
CA LEU D 306 27.26 25.57 5.29
C LEU D 306 26.04 26.42 5.70
N VAL D 307 26.26 27.69 6.02
CA VAL D 307 25.14 28.55 6.43
C VAL D 307 24.10 28.75 5.35
N VAL D 308 24.53 28.89 4.09
CA VAL D 308 23.60 29.02 2.98
C VAL D 308 22.75 27.75 2.84
N LYS D 309 23.37 26.59 2.96
CA LYS D 309 22.63 25.33 2.91
C LYS D 309 21.58 25.25 4.02
N VAL D 310 21.93 25.66 5.24
CA VAL D 310 20.97 25.68 6.33
C VAL D 310 19.81 26.61 6.04
N LEU D 311 20.12 27.80 5.54
CA LEU D 311 19.08 28.77 5.21
C LEU D 311 18.19 28.30 4.07
N SER D 312 18.74 27.52 3.12
CA SER D 312 17.99 27.04 1.94
C SER D 312 16.78 26.19 2.30
N LEU D 313 16.81 25.52 3.46
CA LEU D 313 15.66 24.75 3.91
C LEU D 313 14.41 25.62 4.15
N THR D 314 14.59 26.94 4.24
CA THR D 314 13.47 27.88 4.40
C THR D 314 12.96 28.41 3.06
N LEU D 315 13.53 27.96 1.96
CA LEU D 315 13.01 28.30 0.61
C LEU D 315 11.82 27.42 0.20
#